data_6TTK
#
_entry.id   6TTK
#
_cell.length_a   80.225
_cell.length_b   73.145
_cell.length_c   101.845
_cell.angle_alpha   90.000
_cell.angle_beta   94.500
_cell.angle_gamma   90.000
#
_symmetry.space_group_name_H-M   'P 1 21 1'
#
loop_
_entity.id
_entity.type
_entity.pdbx_description
1 polymer 'Kelch-like protein 12'
2 polymer DVL1
3 non-polymer 'SODIUM ION'
4 non-polymer 1,2-ETHANEDIOL
5 non-polymer 'CHLORIDE ION'
6 water water
#
loop_
_entity_poly.entity_id
_entity_poly.type
_entity_poly.pdbx_seq_one_letter_code
_entity_poly.pdbx_strand_id
1 'polypeptide(L)'
;SMQGPRTRARLGANEVLLVVGGFGSQQSPIDVVEKYDPKTQEWSFLPSITRKRRYVASVSLHDRIYVIGGYDGRSRLSSV
ECLDYTADEDGVWYSVAPMNVRRGLAGATTLGDMIYVSGGFDGSRRHTSMERYDPNIDQWSMLGDMQTAREGAGLVVASG
VIYCLGGYDGLNILNSVEKYDPHTGHWTNVTPMATKRSGAGVALLNDHIYVVGGFDGTAHLSSVEAYNIRTDSWTTVTSM
TTPRCYVGATVLRGRLYAIAGYDGNSLLSSIECYDPIIDSWEVVTSMGTQRCDAGVCVLRE
;
A,B,C,D
2 'polypeptide(L)' AYTVVGGPPGGPPVR F,G,H,E
#
loop_
_chem_comp.id
_chem_comp.type
_chem_comp.name
_chem_comp.formula
CL non-polymer 'CHLORIDE ION' 'Cl -1'
EDO non-polymer 1,2-ETHANEDIOL 'C2 H6 O2'
NA non-polymer 'SODIUM ION' 'Na 1'
#
# COMPACT_ATOMS: atom_id res chain seq x y z
N ALA A 13 13.87 -28.61 26.51
CA ALA A 13 13.61 -27.82 25.32
C ALA A 13 12.12 -27.62 25.11
N ASN A 14 11.33 -28.07 26.08
CA ASN A 14 9.91 -27.96 25.92
C ASN A 14 9.18 -26.98 26.87
N GLU A 15 8.68 -25.94 26.25
CA GLU A 15 7.91 -24.90 26.91
C GLU A 15 6.45 -25.35 27.23
N VAL A 16 5.80 -24.74 28.21
CA VAL A 16 4.34 -24.94 28.52
C VAL A 16 3.64 -23.64 28.76
N LEU A 17 2.33 -23.65 28.78
CA LEU A 17 1.53 -22.46 28.98
C LEU A 17 1.07 -22.39 30.42
N LEU A 18 0.97 -21.17 30.94
CA LEU A 18 0.55 -20.93 32.32
C LEU A 18 -0.54 -19.87 32.34
N VAL A 19 -1.57 -20.12 33.15
CA VAL A 19 -2.73 -19.24 33.25
C VAL A 19 -3.05 -19.07 34.73
N VAL A 20 -3.10 -17.82 35.18
CA VAL A 20 -3.27 -17.50 36.59
C VAL A 20 -4.51 -16.62 36.75
N GLY A 21 -5.34 -16.94 37.73
CA GLY A 21 -6.32 -15.98 38.18
C GLY A 21 -7.34 -15.60 37.12
N GLY A 22 -7.82 -14.38 37.25
CA GLY A 22 -8.81 -13.85 36.35
C GLY A 22 -10.21 -13.84 36.94
N PHE A 23 -11.18 -13.66 36.04
CA PHE A 23 -12.60 -13.57 36.33
C PHE A 23 -13.25 -14.88 35.91
N GLY A 24 -13.89 -15.58 36.85
CA GLY A 24 -14.45 -16.90 36.60
C GLY A 24 -15.98 -16.95 36.49
N SER A 25 -16.47 -18.13 36.16
CA SER A 25 -17.88 -18.29 35.81
C SER A 25 -18.82 -18.00 36.98
N GLN A 26 -18.35 -18.09 38.22
CA GLN A 26 -19.11 -17.66 39.38
C GLN A 26 -19.09 -16.15 39.55
N GLN A 27 -18.67 -15.42 38.50
CA GLN A 27 -18.56 -13.96 38.41
C GLN A 27 -17.90 -13.34 39.62
N SER A 28 -16.83 -13.99 40.01
CA SER A 28 -15.96 -13.38 41.00
C SER A 28 -14.51 -13.58 40.56
N PRO A 29 -13.55 -12.90 41.17
CA PRO A 29 -12.14 -13.21 40.85
C PRO A 29 -11.80 -14.58 41.37
N ILE A 30 -10.82 -15.24 40.74
CA ILE A 30 -10.44 -16.59 41.16
C ILE A 30 -8.95 -16.61 41.47
N ASP A 31 -8.52 -17.76 42.00
CA ASP A 31 -7.12 -18.00 42.34
C ASP A 31 -6.57 -19.25 41.66
N VAL A 32 -7.23 -19.73 40.62
CA VAL A 32 -6.84 -20.97 39.96
C VAL A 32 -5.60 -20.73 39.11
N VAL A 33 -4.67 -21.67 39.18
CA VAL A 33 -3.46 -21.66 38.37
C VAL A 33 -3.43 -22.95 37.54
N GLU A 34 -3.32 -22.83 36.21
CA GLU A 34 -3.33 -24.01 35.35
C GLU A 34 -2.10 -24.03 34.45
N LYS A 35 -1.60 -25.24 34.21
CA LYS A 35 -0.58 -25.50 33.20
C LYS A 35 -1.22 -26.18 31.99
N TYR A 36 -0.85 -25.74 30.80
CA TYR A 36 -1.29 -26.42 29.57
C TYR A 36 -0.07 -26.78 28.72
N ASP A 37 0.06 -28.06 28.38
CA ASP A 37 1.17 -28.54 27.56
C ASP A 37 0.67 -28.83 26.16
N PRO A 38 1.15 -28.07 25.16
CA PRO A 38 0.62 -28.23 23.79
C PRO A 38 1.00 -29.52 23.13
N LYS A 39 2.09 -30.16 23.57
CA LYS A 39 2.50 -31.39 22.90
C LYS A 39 1.62 -32.56 23.30
N THR A 40 1.33 -32.75 24.59
CA THR A 40 0.40 -33.78 25.04
C THR A 40 -1.04 -33.30 25.10
N GLN A 41 -1.27 -32.00 25.04
CA GLN A 41 -2.59 -31.38 25.14
C GLN A 41 -3.23 -31.66 26.50
N GLU A 42 -2.43 -31.96 27.50
CA GLU A 42 -2.95 -32.17 28.85
C GLU A 42 -2.89 -30.88 29.66
N TRP A 43 -3.89 -30.72 30.53
CA TRP A 43 -3.97 -29.68 31.53
C TRP A 43 -3.58 -30.25 32.89
N SER A 44 -3.15 -29.37 33.78
CA SER A 44 -2.97 -29.77 35.17
C SER A 44 -3.05 -28.53 36.03
N PHE A 45 -3.09 -28.73 37.33
CA PHE A 45 -3.16 -27.64 38.30
C PHE A 45 -1.80 -27.46 38.96
N LEU A 46 -1.49 -26.20 39.27
CA LEU A 46 -0.39 -25.82 40.13
C LEU A 46 -1.00 -25.32 41.44
N PRO A 47 -0.19 -25.01 42.45
CA PRO A 47 -0.75 -24.43 43.68
C PRO A 47 -1.37 -23.07 43.40
N SER A 48 -2.53 -22.84 44.02
CA SER A 48 -3.23 -21.58 43.85
C SER A 48 -2.42 -20.40 44.38
N ILE A 49 -2.73 -19.22 43.84
CA ILE A 49 -2.21 -18.01 44.41
C ILE A 49 -2.87 -17.72 45.75
N THR A 50 -2.22 -16.96 46.57
CA THR A 50 -2.68 -16.57 47.87
C THR A 50 -3.97 -15.80 47.89
N ARG A 51 -4.15 -14.89 46.98
CA ARG A 51 -5.32 -14.12 46.88
C ARG A 51 -5.84 -14.23 45.52
N LYS A 52 -7.13 -14.02 45.41
CA LYS A 52 -7.83 -14.04 44.20
C LYS A 52 -7.70 -12.71 43.51
N ARG A 53 -7.35 -12.76 42.26
CA ARG A 53 -7.11 -11.53 41.51
C ARG A 53 -7.69 -11.70 40.12
N ARG A 54 -8.59 -10.81 39.73
CA ARG A 54 -8.88 -10.61 38.33
C ARG A 54 -8.09 -9.38 37.86
N TYR A 55 -8.20 -9.08 36.56
CA TYR A 55 -7.50 -7.95 35.96
C TYR A 55 -5.99 -8.06 36.16
N VAL A 56 -5.47 -9.28 36.22
CA VAL A 56 -4.15 -9.50 36.78
C VAL A 56 -3.14 -9.81 35.67
N ALA A 57 -1.88 -9.54 35.95
CA ALA A 57 -0.80 -9.76 35.00
C ALA A 57 0.16 -10.82 35.54
N SER A 58 0.91 -11.42 34.63
CA SER A 58 1.86 -12.44 35.04
C SER A 58 3.05 -12.47 34.07
N VAL A 59 4.24 -12.68 34.61
CA VAL A 59 5.40 -12.99 33.79
C VAL A 59 6.22 -14.08 34.47
N SER A 60 7.05 -14.74 33.65
CA SER A 60 8.05 -15.70 34.11
C SER A 60 9.43 -15.15 33.83
N LEU A 61 10.39 -15.51 34.69
CA LEU A 61 11.75 -15.00 34.55
C LEU A 61 12.67 -15.87 35.39
N HIS A 62 13.57 -16.54 34.71
CA HIS A 62 14.51 -17.49 35.28
C HIS A 62 13.86 -18.62 36.02
N ASP A 63 12.77 -19.14 35.46
CA ASP A 63 12.08 -20.19 36.14
C ASP A 63 11.30 -19.71 37.43
N ARG A 64 10.95 -18.45 37.47
CA ARG A 64 10.16 -17.92 38.54
C ARG A 64 8.92 -17.30 37.99
N ILE A 65 7.79 -17.70 38.52
CA ILE A 65 6.53 -17.09 38.12
C ILE A 65 6.22 -15.95 39.07
N TYR A 66 5.96 -14.78 38.52
CA TYR A 66 5.53 -13.62 39.26
C TYR A 66 4.08 -13.32 38.92
N VAL A 67 3.28 -13.00 39.92
CA VAL A 67 1.91 -12.58 39.73
C VAL A 67 1.80 -11.17 40.26
N ILE A 68 1.24 -10.28 39.44
CA ILE A 68 1.48 -8.85 39.57
C ILE A 68 0.13 -8.14 39.58
N GLY A 69 -0.19 -7.48 40.69
CA GLY A 69 -1.31 -6.55 40.71
C GLY A 69 -2.62 -7.27 40.51
N GLY A 70 -3.54 -6.57 39.86
CA GLY A 70 -4.89 -7.08 39.72
C GLY A 70 -5.83 -6.47 40.73
N TYR A 71 -6.92 -7.18 40.96
CA TYR A 71 -8.07 -6.66 41.67
C TYR A 71 -8.81 -7.84 42.28
N ASP A 72 -9.13 -7.73 43.58
CA ASP A 72 -9.72 -8.84 44.35
C ASP A 72 -11.22 -8.71 44.56
N GLY A 73 -11.84 -7.67 44.01
CA GLY A 73 -13.23 -7.36 44.29
C GLY A 73 -13.43 -6.26 45.32
N ARG A 74 -12.48 -6.07 46.23
CA ARG A 74 -12.53 -4.93 47.15
C ARG A 74 -11.58 -3.82 46.74
N SER A 75 -10.32 -4.17 46.44
CA SER A 75 -9.29 -3.20 46.13
C SER A 75 -8.50 -3.62 44.89
N ARG A 76 -7.92 -2.64 44.22
CA ARG A 76 -6.87 -2.92 43.26
C ARG A 76 -5.55 -3.08 44.02
N LEU A 77 -4.59 -3.73 43.38
CA LEU A 77 -3.47 -4.26 44.15
C LEU A 77 -2.15 -3.76 43.61
N SER A 78 -1.22 -3.51 44.53
CA SER A 78 0.19 -3.36 44.19
C SER A 78 1.01 -4.60 44.55
N SER A 79 0.44 -5.52 45.32
CA SER A 79 1.17 -6.68 45.80
C SER A 79 1.56 -7.59 44.64
N VAL A 80 2.57 -8.41 44.90
CA VAL A 80 3.18 -9.27 43.89
C VAL A 80 3.63 -10.53 44.62
N GLU A 81 3.36 -11.69 44.05
CA GLU A 81 3.77 -12.94 44.69
C GLU A 81 4.48 -13.81 43.68
N CYS A 82 5.22 -14.77 44.21
CA CYS A 82 6.25 -15.43 43.44
C CYS A 82 6.22 -16.93 43.71
N LEU A 83 6.59 -17.71 42.69
CA LEU A 83 6.63 -19.16 42.82
C LEU A 83 7.81 -19.72 42.02
N ASP A 84 8.71 -20.43 42.70
CA ASP A 84 9.81 -21.09 42.02
C ASP A 84 9.26 -22.37 41.41
N TYR A 85 9.12 -22.38 40.09
CA TYR A 85 8.34 -23.42 39.44
C TYR A 85 8.98 -24.81 39.52
N THR A 86 10.23 -24.80 39.82
CA THR A 86 10.94 -26.02 39.99
C THR A 86 10.29 -26.75 41.18
N GLY A 91 6.16 -26.49 45.66
CA GLY A 91 5.70 -25.23 45.12
C GLY A 91 4.86 -24.42 46.08
N VAL A 92 5.45 -23.39 46.62
CA VAL A 92 4.68 -22.51 47.47
C VAL A 92 4.89 -21.05 47.09
N TRP A 93 3.79 -20.33 47.00
CA TRP A 93 3.85 -18.93 46.66
C TRP A 93 4.37 -18.07 47.81
N TYR A 94 5.19 -17.06 47.54
CA TYR A 94 5.61 -16.12 48.57
C TYR A 94 5.57 -14.70 48.02
N SER A 95 5.39 -13.76 48.95
CA SER A 95 5.30 -12.35 48.63
C SER A 95 6.70 -11.79 48.38
N VAL A 96 6.80 -10.89 47.39
CA VAL A 96 8.01 -10.09 47.19
C VAL A 96 7.59 -8.61 47.22
N ALA A 97 8.51 -7.71 46.90
CA ALA A 97 8.23 -6.29 47.12
C ALA A 97 7.02 -5.83 46.30
N PRO A 98 6.27 -4.87 46.82
CA PRO A 98 5.11 -4.36 46.07
C PRO A 98 5.50 -3.29 45.07
N MET A 99 4.68 -3.17 44.03
CA MET A 99 4.78 -2.04 43.12
C MET A 99 4.54 -0.73 43.88
N ASN A 100 4.89 0.37 43.28
CA ASN A 100 4.65 1.70 43.78
C ASN A 100 3.19 2.13 43.61
N VAL A 101 2.51 1.51 42.68
CA VAL A 101 1.16 1.79 42.34
C VAL A 101 0.28 0.54 42.22
N ARG A 102 -0.99 0.69 42.58
CA ARG A 102 -1.99 -0.34 42.48
C ARG A 102 -2.40 -0.34 40.98
N ARG A 103 -2.35 -1.48 40.33
CA ARG A 103 -2.55 -1.63 38.88
C ARG A 103 -3.38 -2.86 38.58
N GLY A 104 -4.51 -2.65 37.90
CA GLY A 104 -5.22 -3.72 37.23
C GLY A 104 -5.35 -3.36 35.77
N LEU A 105 -5.46 -4.40 34.92
CA LEU A 105 -5.44 -4.23 33.46
C LEU A 105 -4.17 -3.49 33.00
N ALA A 106 -3.04 -3.80 33.65
CA ALA A 106 -1.73 -3.25 33.35
C ALA A 106 -1.00 -4.12 32.33
N GLY A 107 -0.12 -3.49 31.55
CA GLY A 107 0.75 -4.23 30.67
C GLY A 107 1.98 -4.69 31.42
N ALA A 108 2.56 -5.81 30.98
CA ALA A 108 3.66 -6.37 31.75
C ALA A 108 4.53 -7.23 30.86
N THR A 109 5.84 -7.19 31.08
CA THR A 109 6.81 -7.91 30.25
C THR A 109 8.12 -8.05 31.00
N THR A 110 9.01 -8.87 30.46
CA THR A 110 10.36 -8.92 30.99
C THR A 110 11.35 -8.46 29.92
N LEU A 111 12.45 -7.84 30.38
CA LEU A 111 13.54 -7.40 29.51
C LEU A 111 14.81 -7.39 30.35
N GLY A 112 15.89 -7.91 29.78
CA GLY A 112 17.08 -8.13 30.58
C GLY A 112 16.75 -9.16 31.65
N ASP A 113 17.11 -8.87 32.89
CA ASP A 113 16.65 -9.66 34.02
C ASP A 113 15.67 -8.88 34.88
N MET A 114 14.93 -7.95 34.27
CA MET A 114 13.97 -7.10 34.95
C MET A 114 12.53 -7.38 34.48
N ILE A 115 11.59 -7.03 35.34
CA ILE A 115 10.19 -6.99 34.96
C ILE A 115 9.85 -5.54 34.68
N TYR A 116 9.01 -5.32 33.69
CA TYR A 116 8.42 -4.01 33.45
C TYR A 116 6.91 -4.14 33.45
N VAL A 117 6.26 -3.22 34.16
CA VAL A 117 4.81 -3.10 34.13
C VAL A 117 4.46 -1.66 33.83
N SER A 118 3.43 -1.43 33.02
CA SER A 118 3.04 -0.09 32.62
C SER A 118 1.52 0.02 32.49
N GLY A 119 1.03 1.24 32.65
CA GLY A 119 -0.41 1.52 32.60
C GLY A 119 -1.19 0.88 33.74
N GLY A 120 -2.50 0.77 33.51
CA GLY A 120 -3.38 0.12 34.46
C GLY A 120 -4.36 1.09 35.08
N PHE A 121 -4.93 0.67 36.21
CA PHE A 121 -6.03 1.41 36.82
C PHE A 121 -6.10 1.10 38.31
N ASP A 122 -6.06 2.15 39.16
CA ASP A 122 -6.01 2.01 40.61
C ASP A 122 -7.37 2.13 41.30
N GLY A 123 -8.45 2.33 40.55
CA GLY A 123 -9.74 2.62 41.13
C GLY A 123 -10.19 4.05 40.89
N SER A 124 -9.26 4.96 40.64
CA SER A 124 -9.60 6.32 40.27
C SER A 124 -9.04 6.70 38.91
N ARG A 125 -7.76 6.44 38.68
CA ARG A 125 -7.05 7.01 37.55
C ARG A 125 -6.42 5.91 36.70
N ARG A 126 -6.35 6.17 35.39
CA ARG A 126 -5.51 5.39 34.49
C ARG A 126 -4.11 5.96 34.55
N HIS A 127 -3.11 5.10 34.41
CA HIS A 127 -1.72 5.49 34.59
C HIS A 127 -0.99 5.61 33.27
N THR A 128 -0.14 6.62 33.18
CA THR A 128 0.88 6.74 32.15
C THR A 128 2.18 6.09 32.56
N SER A 129 2.37 5.84 33.85
CA SER A 129 3.69 5.49 34.37
C SER A 129 4.00 4.01 34.20
N MET A 130 5.30 3.71 34.17
CA MET A 130 5.83 2.37 34.10
C MET A 130 6.87 2.23 35.20
N GLU A 131 6.86 1.11 35.91
CA GLU A 131 7.84 0.81 36.93
C GLU A 131 8.43 -0.57 36.65
N ARG A 132 9.53 -0.88 37.34
CA ARG A 132 10.41 -1.98 36.92
C ARG A 132 10.94 -2.71 38.14
N TYR A 133 10.99 -4.04 38.06
CA TYR A 133 11.33 -4.88 39.20
C TYR A 133 12.73 -5.46 39.03
N ASP A 134 13.55 -5.32 40.06
CA ASP A 134 14.89 -5.88 40.04
C ASP A 134 15.00 -7.00 41.06
N PRO A 135 14.98 -8.27 40.65
CA PRO A 135 15.09 -9.39 41.63
C PRO A 135 16.37 -9.38 42.46
N ASN A 136 17.44 -8.74 42.00
CA ASN A 136 18.67 -8.70 42.78
C ASN A 136 18.60 -7.77 44.00
N ILE A 137 17.67 -6.82 44.05
CA ILE A 137 17.48 -5.96 45.21
C ILE A 137 16.04 -5.91 45.70
N ASP A 138 15.11 -6.63 45.06
CA ASP A 138 13.73 -6.71 45.52
C ASP A 138 13.11 -5.32 45.65
N GLN A 139 13.15 -4.58 44.55
CA GLN A 139 12.65 -3.21 44.60
C GLN A 139 12.07 -2.84 43.25
N TRP A 140 10.97 -2.07 43.28
CA TRP A 140 10.32 -1.56 42.10
C TRP A 140 10.67 -0.08 41.92
N SER A 141 11.23 0.27 40.74
CA SER A 141 11.62 1.64 40.44
C SER A 141 10.70 2.24 39.39
N MET A 142 10.33 3.51 39.58
CA MET A 142 9.48 4.20 38.62
C MET A 142 10.31 4.76 37.48
N LEU A 143 9.74 4.73 36.27
CA LEU A 143 10.40 5.26 35.08
C LEU A 143 9.54 6.34 34.43
N GLY A 144 9.94 6.75 33.23
CA GLY A 144 9.26 7.83 32.55
C GLY A 144 7.88 7.45 32.08
N ASP A 145 7.04 8.47 31.92
CA ASP A 145 5.63 8.26 31.63
C ASP A 145 5.39 8.04 30.13
N MET A 146 4.36 7.25 29.83
CA MET A 146 3.80 7.21 28.49
C MET A 146 3.11 8.54 28.18
N GLN A 147 2.88 8.79 26.89
CA GLN A 147 2.14 9.99 26.54
C GLN A 147 0.65 9.83 26.83
N THR A 148 0.10 8.63 26.65
CA THR A 148 -1.32 8.42 26.87
C THR A 148 -1.50 7.45 28.04
N ALA A 149 -2.45 7.77 28.92
CA ALA A 149 -2.80 6.86 29.99
C ALA A 149 -3.60 5.70 29.41
N ARG A 150 -3.25 4.48 29.79
CA ARG A 150 -3.70 3.26 29.12
C ARG A 150 -4.06 2.19 30.14
N GLU A 151 -5.27 1.67 30.06
CA GLU A 151 -5.59 0.40 30.69
C GLU A 151 -5.93 -0.59 29.59
N GLY A 152 -5.71 -1.87 29.88
CA GLY A 152 -6.03 -2.87 28.90
C GLY A 152 -5.06 -2.93 27.75
N ALA A 153 -3.86 -2.36 27.91
CA ALA A 153 -2.84 -2.39 26.87
C ALA A 153 -1.75 -3.38 27.21
N GLY A 154 -1.28 -4.12 26.21
CA GLY A 154 -0.15 -5.00 26.40
C GLY A 154 1.22 -4.36 26.18
N LEU A 155 2.22 -4.96 26.84
CA LEU A 155 3.64 -4.62 26.69
C LEU A 155 4.35 -5.77 26.02
N VAL A 156 5.19 -5.47 25.03
CA VAL A 156 5.95 -6.51 24.35
C VAL A 156 7.33 -5.98 23.98
N VAL A 157 8.33 -6.79 24.24
CA VAL A 157 9.74 -6.50 23.98
C VAL A 157 10.13 -7.03 22.61
N ALA A 158 10.92 -6.26 21.87
CA ALA A 158 11.49 -6.73 20.61
C ALA A 158 12.84 -6.06 20.42
N SER A 159 13.90 -6.87 20.36
CA SER A 159 15.26 -6.34 20.16
C SER A 159 15.60 -5.23 21.17
N GLY A 160 15.26 -5.47 22.42
CA GLY A 160 15.64 -4.56 23.50
C GLY A 160 14.84 -3.29 23.61
N VAL A 161 13.67 -3.23 23.00
CA VAL A 161 12.82 -2.04 23.02
C VAL A 161 11.39 -2.48 23.33
N ILE A 162 10.67 -1.69 24.12
CA ILE A 162 9.35 -2.08 24.63
C ILE A 162 8.27 -1.31 23.89
N TYR A 163 7.20 -2.02 23.50
CA TYR A 163 6.05 -1.43 22.83
C TYR A 163 4.80 -1.59 23.70
N CYS A 164 4.05 -0.49 23.86
CA CYS A 164 2.73 -0.50 24.49
C CYS A 164 1.66 -0.22 23.43
N LEU A 165 0.55 -0.96 23.50
CA LEU A 165 -0.35 -1.05 22.34
C LEU A 165 -1.81 -0.87 22.76
N GLY A 166 -2.51 0.04 22.08
CA GLY A 166 -3.95 0.15 22.27
C GLY A 166 -4.34 0.39 23.72
N GLY A 167 -5.57 0.02 24.04
CA GLY A 167 -6.04 0.16 25.41
C GLY A 167 -7.17 1.17 25.59
N TYR A 168 -7.21 1.79 26.76
CA TYR A 168 -8.33 2.65 27.14
C TYR A 168 -7.80 3.71 28.10
N ASP A 169 -8.15 4.98 27.85
CA ASP A 169 -7.73 6.09 28.69
C ASP A 169 -8.81 6.61 29.63
N GLY A 170 -9.99 6.00 29.65
CA GLY A 170 -11.12 6.48 30.40
C GLY A 170 -12.24 7.04 29.52
N LEU A 171 -11.91 7.43 28.29
CA LEU A 171 -12.90 7.97 27.37
C LEU A 171 -12.87 7.26 26.03
N ASN A 172 -11.70 6.82 25.59
CA ASN A 172 -11.53 6.31 24.23
C ASN A 172 -10.82 4.96 24.25
N ILE A 173 -11.28 4.05 23.40
CA ILE A 173 -10.51 2.87 23.03
C ILE A 173 -9.46 3.31 22.02
N LEU A 174 -8.25 2.83 22.19
CA LEU A 174 -7.09 3.43 21.53
C LEU A 174 -6.55 2.51 20.44
N ASN A 175 -6.15 3.12 19.33
CA ASN A 175 -5.38 2.38 18.34
C ASN A 175 -3.91 2.78 18.37
N SER A 176 -3.54 3.72 19.24
CA SER A 176 -2.18 4.25 19.28
C SER A 176 -1.22 3.25 19.93
N VAL A 177 0.06 3.39 19.56
CA VAL A 177 1.14 2.48 19.94
C VAL A 177 2.33 3.34 20.33
N GLU A 178 2.96 2.99 21.43
CA GLU A 178 4.11 3.74 21.91
C GLU A 178 5.27 2.79 22.11
N LYS A 179 6.48 3.32 21.92
CA LYS A 179 7.64 2.50 22.18
C LYS A 179 8.55 3.20 23.17
N TYR A 180 9.19 2.40 24.00
CA TYR A 180 10.09 2.87 25.05
C TYR A 180 11.51 2.46 24.69
N ASP A 181 12.40 3.44 24.57
CA ASP A 181 13.81 3.16 24.31
C ASP A 181 14.57 3.18 25.62
N PRO A 182 15.03 2.04 26.13
CA PRO A 182 15.85 2.06 27.36
C PRO A 182 17.13 2.89 27.25
N HIS A 183 17.69 3.08 26.04
CA HIS A 183 18.92 3.89 25.94
C HIS A 183 18.64 5.36 26.19
N THR A 184 17.41 5.81 25.90
CA THR A 184 17.03 7.19 26.12
C THR A 184 16.09 7.37 27.30
N GLY A 185 15.49 6.29 27.80
CA GLY A 185 14.50 6.41 28.85
C GLY A 185 13.24 7.13 28.46
N HIS A 186 13.00 7.33 27.18
CA HIS A 186 11.86 8.09 26.70
C HIS A 186 10.92 7.20 25.91
N TRP A 187 9.65 7.60 25.91
CA TRP A 187 8.62 7.02 25.07
C TRP A 187 8.52 7.83 23.79
N THR A 188 8.23 7.14 22.68
CA THR A 188 7.90 7.79 21.43
C THR A 188 6.73 7.06 20.78
N ASN A 189 6.09 7.72 19.83
CA ASN A 189 4.99 7.19 19.05
C ASN A 189 5.49 6.32 17.91
N VAL A 190 4.69 5.34 17.56
CA VAL A 190 4.90 4.50 16.36
C VAL A 190 3.61 4.56 15.55
N THR A 191 3.60 3.95 14.39
CA THR A 191 2.41 3.95 13.53
C THR A 191 1.30 3.14 14.19
N PRO A 192 0.15 3.69 14.28
CA PRO A 192 -0.93 2.99 14.91
C PRO A 192 -1.53 1.81 14.12
N MET A 193 -2.24 1.02 14.87
CA MET A 193 -3.01 -0.12 14.46
C MET A 193 -4.16 0.41 13.73
N ALA A 194 -4.64 -0.41 12.87
CA ALA A 194 -5.81 -0.17 12.05
C ALA A 194 -7.09 -0.05 12.79
N THR A 195 -7.23 -0.78 13.86
CA THR A 195 -8.44 -0.80 14.66
C THR A 195 -8.08 -0.53 16.11
N LYS A 196 -8.94 0.24 16.78
CA LYS A 196 -8.81 0.47 18.20
C LYS A 196 -9.16 -0.81 18.98
N ARG A 197 -8.31 -1.20 19.94
CA ARG A 197 -8.58 -2.40 20.72
C ARG A 197 -8.17 -2.18 22.16
N SER A 198 -9.03 -2.61 23.08
CA SER A 198 -8.69 -2.76 24.47
C SER A 198 -8.97 -4.20 24.87
N GLY A 199 -8.14 -4.74 25.77
CA GLY A 199 -8.23 -6.14 26.11
C GLY A 199 -7.75 -7.07 25.04
N ALA A 200 -6.92 -6.59 24.12
CA ALA A 200 -6.41 -7.46 23.08
C ALA A 200 -5.20 -8.25 23.59
N GLY A 201 -4.92 -9.37 22.92
CA GLY A 201 -3.70 -10.12 23.18
C GLY A 201 -2.57 -9.61 22.30
N VAL A 202 -1.35 -9.63 22.84
CA VAL A 202 -0.18 -9.16 22.09
C VAL A 202 0.98 -10.12 22.32
N ALA A 203 1.63 -10.53 21.23
CA ALA A 203 2.84 -11.34 21.36
C ALA A 203 3.76 -11.06 20.18
N LEU A 204 5.01 -11.44 20.34
CA LEU A 204 5.99 -11.33 19.28
C LEU A 204 6.21 -12.71 18.66
N LEU A 205 6.33 -12.73 17.34
CA LEU A 205 6.47 -13.98 16.59
C LEU A 205 7.14 -13.68 15.28
N ASN A 206 8.37 -14.18 15.09
CA ASN A 206 9.09 -14.01 13.83
C ASN A 206 9.22 -12.53 13.46
N ASP A 207 9.64 -11.72 14.43
CA ASP A 207 9.91 -10.29 14.25
C ASP A 207 8.68 -9.51 13.81
N HIS A 208 7.48 -10.06 14.04
CA HIS A 208 6.25 -9.30 13.88
C HIS A 208 5.53 -9.28 15.22
N ILE A 209 4.85 -8.18 15.49
CA ILE A 209 4.03 -8.07 16.69
C ILE A 209 2.58 -8.35 16.30
N TYR A 210 1.98 -9.36 16.93
CA TYR A 210 0.60 -9.72 16.67
C TYR A 210 -0.30 -9.16 17.76
N VAL A 211 -1.42 -8.59 17.35
CA VAL A 211 -2.47 -8.15 18.27
C VAL A 211 -3.75 -8.91 17.89
N VAL A 212 -4.30 -9.67 18.86
CA VAL A 212 -5.42 -10.59 18.58
C VAL A 212 -6.65 -10.16 19.36
N GLY A 213 -7.76 -9.97 18.65
CA GLY A 213 -9.04 -9.76 19.33
C GLY A 213 -9.15 -8.43 20.07
N GLY A 214 -9.86 -8.47 21.18
CA GLY A 214 -10.10 -7.26 21.96
C GLY A 214 -11.44 -6.61 21.63
N PHE A 215 -11.65 -5.41 22.19
CA PHE A 215 -12.92 -4.70 22.08
C PHE A 215 -12.70 -3.30 21.52
N ASP A 216 -13.36 -3.00 20.40
CA ASP A 216 -13.15 -1.78 19.64
C ASP A 216 -14.13 -0.67 19.98
N GLY A 217 -15.02 -0.89 20.95
CA GLY A 217 -16.03 0.09 21.33
C GLY A 217 -17.44 -0.27 20.93
N THR A 218 -17.61 -1.26 20.05
CA THR A 218 -18.92 -1.78 19.67
C THR A 218 -18.92 -3.30 19.66
N ALA A 219 -18.11 -3.89 18.79
CA ALA A 219 -18.02 -5.33 18.60
C ALA A 219 -16.87 -5.93 19.40
N HIS A 220 -17.10 -7.15 19.87
CA HIS A 220 -16.02 -8.01 20.34
C HIS A 220 -15.36 -8.61 19.10
N LEU A 221 -14.03 -8.64 19.08
CA LEU A 221 -13.30 -8.87 17.84
C LEU A 221 -12.71 -10.26 17.77
N SER A 222 -12.76 -10.85 16.58
CA SER A 222 -11.92 -11.98 16.23
C SER A 222 -10.75 -11.57 15.34
N SER A 223 -10.68 -10.29 14.97
CA SER A 223 -9.70 -9.80 14.02
C SER A 223 -8.30 -9.74 14.62
N VAL A 224 -7.31 -9.97 13.78
CA VAL A 224 -5.90 -9.99 14.18
C VAL A 224 -5.12 -9.09 13.22
N GLU A 225 -4.20 -8.30 13.76
CA GLU A 225 -3.24 -7.56 12.96
C GLU A 225 -1.84 -7.84 13.45
N ALA A 226 -0.90 -7.61 12.54
CA ALA A 226 0.52 -7.85 12.76
C ALA A 226 1.32 -6.62 12.35
N TYR A 227 2.21 -6.19 13.24
CA TYR A 227 3.11 -5.08 12.96
C TYR A 227 4.43 -5.64 12.45
N ASN A 228 4.78 -5.29 11.23
CA ASN A 228 6.08 -5.64 10.70
C ASN A 228 7.02 -4.54 11.21
N ILE A 229 7.92 -4.91 12.08
CA ILE A 229 8.86 -3.98 12.64
C ILE A 229 9.87 -3.33 11.65
N ARG A 230 10.39 -4.15 10.80
CA ARG A 230 11.33 -3.78 9.77
C ARG A 230 10.63 -2.85 8.74
N THR A 231 9.35 -2.88 8.65
CA THR A 231 8.71 -1.96 7.70
C THR A 231 7.94 -0.83 8.34
N ASP A 232 7.69 -0.89 9.65
CA ASP A 232 6.81 0.08 10.33
C ASP A 232 5.42 0.11 9.68
N SER A 233 4.83 -1.08 9.53
CA SER A 233 3.52 -1.19 8.91
C SER A 233 2.73 -2.34 9.52
N TRP A 234 1.41 -2.24 9.42
CA TRP A 234 0.47 -3.20 9.93
C TRP A 234 -0.30 -3.85 8.79
N THR A 235 -0.62 -5.13 8.97
CA THR A 235 -1.37 -5.90 7.98
C THR A 235 -2.39 -6.74 8.72
N THR A 236 -3.51 -7.01 8.05
CA THR A 236 -4.54 -7.91 8.54
C THR A 236 -4.09 -9.36 8.44
N VAL A 237 -4.33 -10.12 9.50
CA VAL A 237 -4.12 -11.56 9.56
C VAL A 237 -5.49 -12.23 9.72
N THR A 238 -5.54 -13.51 9.34
CA THR A 238 -6.70 -14.38 9.52
C THR A 238 -7.33 -14.24 10.90
N SER A 239 -8.62 -13.91 10.93
CA SER A 239 -9.39 -13.88 12.16
C SER A 239 -9.33 -15.22 12.90
N MET A 240 -9.41 -15.14 14.24
CA MET A 240 -9.50 -16.30 15.12
C MET A 240 -10.82 -17.06 14.88
N THR A 241 -10.97 -18.21 15.53
CA THR A 241 -12.23 -18.94 15.39
C THR A 241 -13.39 -18.19 16.02
N THR A 242 -13.12 -17.43 17.09
CA THR A 242 -14.19 -16.81 17.85
C THR A 242 -13.69 -15.46 18.37
N PRO A 243 -14.57 -14.49 18.58
CA PRO A 243 -14.12 -13.25 19.22
C PRO A 243 -13.59 -13.56 20.60
N ARG A 244 -12.59 -12.78 21.03
CA ARG A 244 -12.04 -12.92 22.36
C ARG A 244 -11.50 -11.57 22.78
N CYS A 245 -11.88 -11.12 23.98
CA CYS A 245 -11.32 -9.92 24.56
C CYS A 245 -10.98 -10.18 26.02
N TYR A 246 -10.06 -9.38 26.54
CA TYR A 246 -9.40 -9.66 27.82
C TYR A 246 -8.81 -11.06 27.79
N VAL A 247 -8.04 -11.31 26.72
CA VAL A 247 -7.54 -12.61 26.34
C VAL A 247 -6.01 -12.58 26.44
N GLY A 248 -5.43 -13.69 26.86
CA GLY A 248 -4.00 -13.82 26.83
C GLY A 248 -3.48 -14.32 25.50
N ALA A 249 -2.21 -14.04 25.25
CA ALA A 249 -1.57 -14.40 23.99
C ALA A 249 -0.12 -14.72 24.29
N THR A 250 0.36 -15.82 23.73
CA THR A 250 1.75 -16.13 23.97
C THR A 250 2.23 -17.03 22.85
N VAL A 251 3.55 -17.06 22.67
CA VAL A 251 4.16 -17.81 21.59
C VAL A 251 5.01 -18.92 22.17
N LEU A 252 4.88 -20.08 21.57
CA LEU A 252 5.35 -21.35 22.07
C LEU A 252 5.87 -22.11 20.86
N ARG A 253 7.17 -22.24 20.72
CA ARG A 253 7.79 -22.91 19.61
C ARG A 253 7.29 -22.47 18.26
N GLY A 254 7.23 -21.18 18.09
CA GLY A 254 6.89 -20.60 16.81
C GLY A 254 5.42 -20.57 16.45
N ARG A 255 4.54 -20.63 17.44
CA ARG A 255 3.10 -20.63 17.21
C ARG A 255 2.42 -19.74 18.24
N LEU A 256 1.40 -19.02 17.79
CA LEU A 256 0.72 -17.99 18.57
C LEU A 256 -0.56 -18.56 19.18
N TYR A 257 -0.62 -18.59 20.51
CA TYR A 257 -1.76 -19.13 21.23
C TYR A 257 -2.63 -18.03 21.81
N ALA A 258 -3.93 -18.08 21.52
CA ALA A 258 -4.92 -17.21 22.11
C ALA A 258 -5.64 -17.98 23.22
N ILE A 259 -5.75 -17.38 24.41
CA ILE A 259 -6.10 -18.11 25.63
C ILE A 259 -7.31 -17.48 26.30
N ALA A 260 -8.43 -18.22 26.33
CA ALA A 260 -9.64 -17.94 27.15
C ALA A 260 -10.16 -16.57 26.75
N GLY A 261 -10.66 -15.79 27.69
CA GLY A 261 -11.24 -14.51 27.33
C GLY A 261 -12.76 -14.53 27.28
N TYR A 262 -13.29 -13.43 26.84
CA TYR A 262 -14.69 -13.16 26.68
C TYR A 262 -15.09 -12.96 25.24
N ASP A 263 -16.06 -13.74 24.82
CA ASP A 263 -16.56 -13.70 23.47
C ASP A 263 -17.72 -12.76 23.29
N GLY A 264 -18.05 -12.09 24.37
CA GLY A 264 -19.14 -11.14 24.40
C GLY A 264 -20.48 -11.70 24.82
N ASN A 265 -20.51 -12.94 25.20
CA ASN A 265 -21.68 -13.59 25.69
C ASN A 265 -21.20 -14.46 26.80
N SER A 266 -20.17 -15.23 26.55
CA SER A 266 -19.64 -16.13 27.56
C SER A 266 -18.15 -16.15 27.72
N LEU A 267 -17.72 -16.68 28.84
CA LEU A 267 -16.35 -16.91 29.19
C LEU A 267 -15.89 -18.16 28.46
N LEU A 268 -14.78 -18.05 27.75
CA LEU A 268 -14.15 -19.09 26.95
C LEU A 268 -13.24 -19.98 27.79
N SER A 269 -13.25 -21.28 27.50
CA SER A 269 -12.31 -22.22 28.09
C SER A 269 -11.29 -22.73 27.10
N SER A 270 -11.29 -22.23 25.87
CA SER A 270 -10.50 -22.81 24.79
C SER A 270 -9.26 -21.98 24.43
N ILE A 271 -8.23 -22.67 23.96
CA ILE A 271 -7.04 -22.04 23.42
C ILE A 271 -6.99 -22.34 21.93
N GLU A 272 -6.72 -21.31 21.13
CA GLU A 272 -6.49 -21.56 19.73
C GLU A 272 -5.10 -21.10 19.34
N CYS A 273 -4.61 -21.71 18.27
CA CYS A 273 -3.21 -21.67 17.88
C CYS A 273 -3.12 -21.21 16.43
N TYR A 274 -2.35 -20.15 16.20
CA TYR A 274 -2.07 -19.69 14.85
C TYR A 274 -0.72 -20.22 14.36
N ASP A 275 -0.77 -21.02 13.30
CA ASP A 275 0.40 -21.61 12.66
C ASP A 275 0.70 -20.84 11.39
N PRO A 276 1.77 -20.04 11.33
CA PRO A 276 2.09 -19.35 10.07
C PRO A 276 2.29 -20.29 8.89
N ILE A 277 2.57 -21.57 9.14
CA ILE A 277 2.73 -22.53 8.05
C ILE A 277 1.44 -22.60 7.24
N ILE A 278 0.30 -22.61 7.91
CA ILE A 278 -0.99 -22.71 7.23
C ILE A 278 -1.72 -21.40 7.25
N ASP A 279 -1.16 -20.38 7.91
CA ASP A 279 -1.77 -19.06 8.02
C ASP A 279 -3.20 -19.15 8.55
N SER A 280 -3.37 -19.91 9.63
CA SER A 280 -4.69 -20.33 10.00
C SER A 280 -4.72 -20.65 11.49
N TRP A 281 -5.89 -20.49 12.11
CA TRP A 281 -6.07 -20.79 13.53
C TRP A 281 -6.73 -22.16 13.73
N GLU A 282 -6.25 -22.91 14.72
CA GLU A 282 -6.84 -24.19 15.12
C GLU A 282 -7.04 -24.19 16.62
N VAL A 283 -8.28 -24.51 17.04
CA VAL A 283 -8.54 -24.86 18.43
C VAL A 283 -7.70 -26.07 18.81
N VAL A 284 -6.96 -25.98 19.91
CA VAL A 284 -6.20 -27.13 20.37
C VAL A 284 -6.74 -27.70 21.68
N THR A 285 -7.62 -27.00 22.35
CA THR A 285 -8.23 -27.45 23.57
C THR A 285 -9.55 -26.72 23.91
N SER A 286 -10.45 -27.41 24.52
CA SER A 286 -11.72 -26.88 24.92
C SER A 286 -11.89 -26.92 26.43
N MET A 287 -10.86 -27.37 27.10
CA MET A 287 -10.82 -27.70 28.51
C MET A 287 -10.26 -26.95 29.70
N GLY A 288 -9.86 -25.72 29.55
CA GLY A 288 -9.40 -24.94 30.69
C GLY A 288 -10.61 -24.39 31.46
N THR A 289 -10.34 -23.67 32.53
CA THR A 289 -11.33 -22.97 33.30
C THR A 289 -11.80 -21.81 32.46
N GLN A 290 -13.10 -21.57 32.37
CA GLN A 290 -13.58 -20.42 31.69
C GLN A 290 -13.14 -19.23 32.57
N ARG A 291 -12.62 -18.19 31.96
CA ARG A 291 -12.13 -17.00 32.66
C ARG A 291 -11.64 -15.98 31.63
N CYS A 292 -11.63 -14.72 32.04
CA CYS A 292 -11.03 -13.65 31.26
C CYS A 292 -10.23 -12.78 32.19
N ASP A 293 -9.52 -11.81 31.60
CA ASP A 293 -8.50 -10.95 32.25
C ASP A 293 -7.66 -11.71 33.27
N ALA A 294 -7.22 -12.91 32.87
CA ALA A 294 -6.21 -13.65 33.61
C ALA A 294 -4.82 -13.32 33.09
N GLY A 295 -3.80 -13.73 33.85
CA GLY A 295 -2.43 -13.58 33.46
C GLY A 295 -1.92 -14.86 32.81
N VAL A 296 -1.02 -14.67 31.82
CA VAL A 296 -0.44 -15.80 31.09
C VAL A 296 1.07 -15.57 30.92
N CYS A 297 1.79 -16.69 30.82
CA CYS A 297 3.23 -16.64 30.56
C CYS A 297 3.68 -18.06 30.18
N VAL A 298 4.91 -18.16 29.69
CA VAL A 298 5.46 -19.42 29.22
C VAL A 298 6.51 -19.89 30.22
N LEU A 299 6.53 -21.19 30.48
CA LEU A 299 7.45 -21.87 31.36
C LEU A 299 8.38 -22.78 30.59
N ARG A 300 9.69 -22.66 30.77
CA ARG A 300 10.59 -23.70 30.32
C ARG A 300 10.54 -24.86 31.30
N GLU A 301 10.53 -26.07 30.76
CA GLU A 301 10.61 -27.24 31.63
C GLU A 301 11.94 -27.97 31.44
N ALA B 13 -19.87 26.37 -21.58
CA ALA B 13 -19.54 25.23 -20.72
C ALA B 13 -20.64 24.75 -19.76
N ASN B 14 -21.85 24.42 -20.25
CA ASN B 14 -22.88 23.93 -19.30
C ASN B 14 -23.26 22.49 -19.50
N GLU B 15 -22.69 21.67 -18.65
CA GLU B 15 -22.91 20.24 -18.73
C GLU B 15 -23.89 19.80 -17.64
N VAL B 16 -24.72 18.80 -17.95
CA VAL B 16 -25.69 18.25 -17.00
C VAL B 16 -25.55 16.72 -16.97
N LEU B 17 -26.21 16.11 -15.97
CA LEU B 17 -26.18 14.67 -15.74
C LEU B 17 -27.51 14.05 -16.16
N LEU B 18 -27.41 12.89 -16.81
CA LEU B 18 -28.59 12.18 -17.31
C LEU B 18 -28.65 10.78 -16.74
N VAL B 19 -29.79 10.41 -16.17
CA VAL B 19 -29.96 9.10 -15.56
C VAL B 19 -31.18 8.43 -16.17
N VAL B 20 -30.99 7.27 -16.80
CA VAL B 20 -32.05 6.59 -17.55
C VAL B 20 -32.15 5.15 -17.08
N GLY B 21 -33.39 4.71 -16.84
CA GLY B 21 -33.66 3.31 -16.58
C GLY B 21 -33.29 2.81 -15.19
N GLY B 22 -33.13 1.49 -15.09
CA GLY B 22 -32.68 0.83 -13.89
C GLY B 22 -33.79 0.15 -13.11
N PHE B 23 -33.37 -0.53 -12.05
CA PHE B 23 -34.25 -1.22 -11.10
C PHE B 23 -34.79 -0.24 -10.08
N GLY B 24 -36.10 0.00 -10.08
CA GLY B 24 -36.72 0.96 -9.19
C GLY B 24 -37.05 0.39 -7.82
N SER B 25 -37.75 1.19 -7.03
CA SER B 25 -38.12 0.74 -5.69
C SER B 25 -39.31 -0.20 -5.69
N GLN B 26 -40.06 -0.29 -6.81
CA GLN B 26 -41.16 -1.24 -6.97
C GLN B 26 -40.67 -2.62 -7.37
N GLN B 27 -39.36 -2.87 -7.25
CA GLN B 27 -38.74 -4.15 -7.56
C GLN B 27 -38.86 -4.50 -9.05
N SER B 28 -38.92 -3.48 -9.89
CA SER B 28 -39.24 -3.67 -11.30
C SER B 28 -38.33 -2.78 -12.14
N PRO B 29 -38.14 -3.14 -13.38
CA PRO B 29 -37.39 -2.29 -14.31
C PRO B 29 -38.22 -1.03 -14.64
N ILE B 30 -37.57 0.07 -14.91
CA ILE B 30 -38.26 1.30 -15.17
C ILE B 30 -37.89 2.05 -16.43
N ASP B 31 -38.69 3.07 -16.73
CA ASP B 31 -38.48 3.88 -17.90
C ASP B 31 -38.14 5.31 -17.58
N VAL B 32 -37.97 5.63 -16.33
CA VAL B 32 -37.80 7.02 -15.94
C VAL B 32 -36.46 7.56 -16.45
N VAL B 33 -36.48 8.78 -16.98
CA VAL B 33 -35.30 9.51 -17.43
C VAL B 33 -35.24 10.82 -16.67
N GLU B 34 -34.12 11.04 -15.98
CA GLU B 34 -33.94 12.21 -15.15
C GLU B 34 -32.73 13.01 -15.62
N LYS B 35 -32.78 14.31 -15.34
CA LYS B 35 -31.74 15.28 -15.62
C LYS B 35 -31.36 15.96 -14.31
N TYR B 36 -30.07 16.14 -14.03
CA TYR B 36 -29.62 16.84 -12.84
C TYR B 36 -28.55 17.85 -13.23
N ASP B 37 -28.83 19.11 -12.98
CA ASP B 37 -27.95 20.25 -13.25
C ASP B 37 -27.15 20.57 -12.00
N PRO B 38 -25.90 20.11 -11.91
CA PRO B 38 -25.13 20.34 -10.67
C PRO B 38 -24.97 21.80 -10.29
N LYS B 39 -25.09 22.72 -11.21
CA LYS B 39 -24.94 24.12 -10.88
C LYS B 39 -26.12 24.68 -10.09
N THR B 40 -27.30 24.64 -10.69
CA THR B 40 -28.60 25.04 -10.14
C THR B 40 -29.03 24.12 -9.06
N GLN B 41 -28.60 22.90 -9.18
CA GLN B 41 -29.04 21.90 -8.25
C GLN B 41 -30.45 21.43 -8.53
N GLU B 42 -30.88 21.43 -9.80
CA GLU B 42 -32.19 20.93 -10.11
C GLU B 42 -32.25 19.61 -10.82
N TRP B 43 -33.27 18.87 -10.45
CA TRP B 43 -33.60 17.62 -11.01
C TRP B 43 -34.79 17.92 -11.93
N SER B 44 -34.89 17.28 -13.08
CA SER B 44 -36.03 17.40 -13.97
C SER B 44 -36.18 16.12 -14.80
N PHE B 45 -37.42 15.75 -15.07
CA PHE B 45 -37.69 14.64 -15.96
C PHE B 45 -37.50 15.06 -17.41
N LEU B 46 -37.05 14.10 -18.22
CA LEU B 46 -37.13 14.08 -19.66
C LEU B 46 -38.14 12.99 -20.06
N PRO B 47 -38.48 12.89 -21.35
CA PRO B 47 -39.39 11.80 -21.78
C PRO B 47 -38.84 10.42 -21.47
N SER B 48 -39.76 9.52 -21.09
CA SER B 48 -39.37 8.18 -20.69
C SER B 48 -38.98 7.35 -21.91
N ILE B 49 -38.07 6.39 -21.71
CA ILE B 49 -37.71 5.49 -22.81
C ILE B 49 -38.90 4.60 -23.15
N THR B 50 -38.85 3.94 -24.32
CA THR B 50 -40.00 3.22 -24.84
C THR B 50 -40.32 1.95 -24.07
N ARG B 51 -39.30 1.23 -23.60
CA ARG B 51 -39.46 0.01 -22.82
C ARG B 51 -38.84 0.22 -21.45
N LYS B 52 -39.36 -0.44 -20.42
CA LYS B 52 -38.69 -0.45 -19.12
C LYS B 52 -37.43 -1.29 -19.21
N ARG B 53 -36.31 -0.75 -18.73
CA ARG B 53 -35.00 -1.35 -18.98
C ARG B 53 -34.14 -1.24 -17.74
N ARG B 54 -33.82 -2.39 -17.14
CA ARG B 54 -32.78 -2.46 -16.13
C ARG B 54 -31.53 -3.09 -16.76
N TYR B 55 -30.43 -3.09 -16.01
CA TYR B 55 -29.15 -3.63 -16.52
C TYR B 55 -28.69 -2.89 -17.79
N VAL B 56 -28.98 -1.61 -17.91
CA VAL B 56 -28.82 -0.92 -19.18
C VAL B 56 -27.69 0.11 -19.11
N ALA B 57 -27.16 0.48 -20.28
CA ALA B 57 -26.10 1.48 -20.39
C ALA B 57 -26.58 2.67 -21.20
N SER B 58 -25.84 3.78 -21.14
CA SER B 58 -26.22 5.01 -21.83
C SER B 58 -25.00 5.86 -22.18
N VAL B 59 -24.91 6.29 -23.44
CA VAL B 59 -23.86 7.21 -23.86
C VAL B 59 -24.49 8.39 -24.61
N SER B 60 -23.76 9.51 -24.64
CA SER B 60 -24.12 10.65 -25.46
C SER B 60 -23.08 10.87 -26.55
N LEU B 61 -23.55 11.43 -27.67
CA LEU B 61 -22.74 11.59 -28.87
C LEU B 61 -23.43 12.49 -29.89
N HIS B 62 -22.74 13.56 -30.33
CA HIS B 62 -23.31 14.58 -31.22
C HIS B 62 -24.70 15.00 -30.74
N ASP B 63 -24.82 15.35 -29.46
CA ASP B 63 -26.09 15.76 -28.84
C ASP B 63 -27.19 14.69 -28.92
N ARG B 64 -26.83 13.42 -29.06
CA ARG B 64 -27.79 12.33 -29.07
C ARG B 64 -27.59 11.43 -27.87
N ILE B 65 -28.69 11.12 -27.19
CA ILE B 65 -28.69 10.14 -26.12
C ILE B 65 -28.99 8.78 -26.74
N TYR B 66 -28.15 7.80 -26.43
CA TYR B 66 -28.40 6.42 -26.77
C TYR B 66 -28.64 5.62 -25.49
N VAL B 67 -29.62 4.73 -25.52
CA VAL B 67 -29.84 3.83 -24.40
C VAL B 67 -29.66 2.43 -24.95
N ILE B 68 -28.65 1.74 -24.42
CA ILE B 68 -28.10 0.56 -25.08
C ILE B 68 -28.45 -0.66 -24.24
N GLY B 69 -29.13 -1.62 -24.88
CA GLY B 69 -29.22 -2.97 -24.33
C GLY B 69 -30.12 -3.06 -23.12
N GLY B 70 -29.72 -3.89 -22.17
CA GLY B 70 -30.45 -4.03 -20.92
C GLY B 70 -31.37 -5.24 -20.88
N TYR B 71 -32.23 -5.21 -19.87
CA TYR B 71 -33.10 -6.33 -19.54
C TYR B 71 -34.42 -5.77 -19.04
N ASP B 72 -35.53 -6.18 -19.66
CA ASP B 72 -36.85 -5.62 -19.40
C ASP B 72 -37.68 -6.50 -18.48
N GLY B 73 -37.03 -7.33 -17.67
CA GLY B 73 -37.76 -8.28 -16.86
C GLY B 73 -38.11 -9.58 -17.54
N ARG B 74 -37.98 -9.66 -18.86
CA ARG B 74 -38.19 -10.94 -19.53
C ARG B 74 -37.03 -11.31 -20.45
N SER B 75 -36.50 -10.36 -21.20
CA SER B 75 -35.39 -10.64 -22.11
C SER B 75 -34.28 -9.63 -21.91
N ARG B 76 -33.04 -10.12 -21.92
CA ARG B 76 -31.93 -9.22 -22.21
C ARG B 76 -32.11 -8.67 -23.62
N LEU B 77 -31.70 -7.43 -23.81
CA LEU B 77 -32.06 -6.70 -25.01
C LEU B 77 -30.84 -6.38 -25.87
N SER B 78 -31.05 -6.46 -27.15
CA SER B 78 -30.10 -6.10 -28.14
C SER B 78 -30.53 -4.79 -28.76
N SER B 79 -31.69 -4.28 -28.42
CA SER B 79 -32.19 -3.03 -29.01
C SER B 79 -31.62 -1.67 -28.56
N VAL B 80 -31.71 -0.71 -29.46
CA VAL B 80 -31.22 0.61 -29.18
C VAL B 80 -32.16 1.73 -29.56
N GLU B 81 -32.41 2.62 -28.65
CA GLU B 81 -33.29 3.74 -28.92
C GLU B 81 -32.55 5.04 -28.69
N CYS B 82 -32.94 6.06 -29.42
CA CYS B 82 -32.26 7.33 -29.46
C CYS B 82 -33.04 8.54 -29.22
N LEU B 83 -32.41 9.53 -28.61
CA LEU B 83 -33.05 10.81 -28.42
C LEU B 83 -32.18 12.03 -28.72
N ASP B 84 -32.54 12.88 -29.66
CA ASP B 84 -31.75 14.10 -29.82
C ASP B 84 -32.14 15.10 -28.73
N TYR B 85 -31.16 15.55 -27.99
CA TYR B 85 -31.35 16.48 -26.91
C TYR B 85 -31.72 17.90 -27.26
N THR B 86 -31.42 18.27 -28.47
CA THR B 86 -31.75 19.61 -28.93
C THR B 86 -33.29 19.76 -28.73
N GLY B 91 -38.95 16.07 -26.97
CA GLY B 91 -38.10 15.17 -27.75
C GLY B 91 -38.73 13.80 -27.86
N VAL B 92 -38.42 13.04 -28.90
CA VAL B 92 -39.11 11.75 -29.13
C VAL B 92 -38.07 10.64 -29.21
N TRP B 93 -38.25 9.57 -28.45
CA TRP B 93 -37.32 8.53 -28.52
C TRP B 93 -37.71 7.79 -29.76
N TYR B 94 -36.73 7.45 -30.57
CA TYR B 94 -36.84 6.66 -31.77
C TYR B 94 -35.72 5.62 -31.76
N SER B 95 -35.91 4.55 -32.52
CA SER B 95 -35.09 3.36 -32.40
C SER B 95 -34.19 3.19 -33.63
N VAL B 96 -32.94 2.79 -33.36
CA VAL B 96 -31.93 2.65 -34.40
C VAL B 96 -31.49 1.19 -34.53
N ALA B 97 -30.39 0.97 -35.25
CA ALA B 97 -29.94 -0.39 -35.51
C ALA B 97 -29.57 -1.08 -34.20
N PRO B 98 -29.90 -2.35 -34.03
CA PRO B 98 -29.65 -3.01 -32.75
C PRO B 98 -28.30 -3.70 -32.74
N MET B 99 -27.79 -3.93 -31.53
CA MET B 99 -26.55 -4.64 -31.37
C MET B 99 -26.67 -6.06 -31.91
N ASN B 100 -25.53 -6.63 -32.33
CA ASN B 100 -25.54 -8.03 -32.77
C ASN B 100 -25.87 -8.99 -31.61
N VAL B 101 -25.50 -8.62 -30.39
CA VAL B 101 -25.69 -9.44 -29.23
C VAL B 101 -26.62 -8.85 -28.18
N ARG B 102 -27.48 -9.67 -27.58
CA ARG B 102 -28.33 -9.17 -26.47
C ARG B 102 -27.46 -9.03 -25.22
N ARG B 103 -27.36 -7.81 -24.70
CA ARG B 103 -26.56 -7.49 -23.55
C ARG B 103 -27.12 -6.70 -22.36
N GLY B 104 -27.06 -7.31 -21.19
CA GLY B 104 -27.36 -6.57 -19.98
C GLY B 104 -26.08 -6.39 -19.19
N LEU B 105 -25.98 -5.24 -18.50
CA LEU B 105 -24.83 -4.96 -17.63
C LEU B 105 -23.53 -5.03 -18.42
N ALA B 106 -23.52 -4.35 -19.57
CA ALA B 106 -22.34 -4.21 -20.42
C ALA B 106 -21.68 -2.85 -20.20
N GLY B 107 -20.40 -2.75 -20.57
CA GLY B 107 -19.69 -1.49 -20.60
C GLY B 107 -19.86 -0.77 -21.94
N ALA B 108 -19.87 0.58 -21.88
CA ALA B 108 -20.17 1.37 -23.06
C ALA B 108 -19.52 2.74 -22.95
N THR B 109 -18.87 3.18 -24.04
CA THR B 109 -18.23 4.48 -24.12
C THR B 109 -18.23 4.93 -25.58
N THR B 110 -17.70 6.11 -25.82
CA THR B 110 -17.58 6.60 -27.18
C THR B 110 -16.14 6.95 -27.49
N LEU B 111 -15.77 6.75 -28.76
CA LEU B 111 -14.43 6.99 -29.28
C LEU B 111 -14.58 7.31 -30.76
N GLY B 112 -13.82 8.29 -31.22
CA GLY B 112 -14.17 8.84 -32.48
C GLY B 112 -15.64 9.25 -32.49
N ASP B 113 -16.23 9.20 -33.66
CA ASP B 113 -17.66 9.45 -33.75
C ASP B 113 -18.46 8.17 -33.61
N MET B 114 -18.05 7.25 -32.73
CA MET B 114 -18.63 5.91 -32.67
C MET B 114 -18.89 5.48 -31.22
N ILE B 115 -19.59 4.36 -31.07
CA ILE B 115 -19.96 3.81 -29.77
C ILE B 115 -19.38 2.40 -29.65
N TYR B 116 -18.80 2.12 -28.49
CA TYR B 116 -18.21 0.82 -28.18
C TYR B 116 -18.94 0.17 -27.02
N VAL B 117 -19.32 -1.10 -27.17
CA VAL B 117 -20.00 -1.86 -26.13
C VAL B 117 -19.35 -3.25 -26.05
N SER B 118 -18.84 -3.61 -24.88
CA SER B 118 -18.29 -4.94 -24.66
C SER B 118 -18.94 -5.63 -23.48
N GLY B 119 -18.79 -6.94 -23.45
CA GLY B 119 -19.17 -7.75 -22.30
C GLY B 119 -20.66 -7.86 -22.12
N GLY B 120 -21.07 -8.00 -20.87
CA GLY B 120 -22.47 -8.16 -20.54
C GLY B 120 -22.97 -9.59 -20.55
N PHE B 121 -24.23 -9.71 -20.13
CA PHE B 121 -24.93 -10.98 -19.94
C PHE B 121 -26.10 -11.04 -20.91
N ASP B 122 -26.24 -12.15 -21.63
CA ASP B 122 -27.37 -12.37 -22.53
C ASP B 122 -28.48 -13.23 -21.91
N GLY B 123 -28.35 -13.63 -20.65
CA GLY B 123 -29.29 -14.52 -20.03
C GLY B 123 -28.70 -15.91 -19.84
N SER B 124 -27.83 -16.33 -20.77
CA SER B 124 -27.21 -17.65 -20.72
C SER B 124 -25.69 -17.62 -20.65
N ARG B 125 -25.04 -16.56 -21.17
CA ARG B 125 -23.59 -16.45 -21.16
C ARG B 125 -23.16 -15.02 -20.84
N ARG B 126 -22.00 -14.90 -20.20
CA ARG B 126 -21.28 -13.65 -20.21
C ARG B 126 -20.47 -13.56 -21.49
N HIS B 127 -20.11 -12.35 -21.89
CA HIS B 127 -19.52 -12.12 -23.21
C HIS B 127 -18.08 -11.63 -23.11
N THR B 128 -17.23 -12.12 -24.04
CA THR B 128 -15.92 -11.52 -24.26
C THR B 128 -15.93 -10.47 -25.35
N SER B 129 -16.95 -10.47 -26.20
CA SER B 129 -16.96 -9.67 -27.43
C SER B 129 -17.21 -8.20 -27.17
N MET B 130 -16.69 -7.38 -28.10
CA MET B 130 -17.06 -5.99 -28.21
C MET B 130 -17.60 -5.76 -29.62
N GLU B 131 -18.50 -4.80 -29.76
CA GLU B 131 -18.99 -4.36 -31.04
C GLU B 131 -19.04 -2.83 -31.05
N ARG B 132 -19.19 -2.25 -32.23
CA ARG B 132 -19.02 -0.82 -32.43
C ARG B 132 -20.14 -0.28 -33.30
N TYR B 133 -20.64 0.91 -32.95
CA TYR B 133 -21.74 1.54 -33.66
C TYR B 133 -21.24 2.75 -34.43
N ASP B 134 -21.52 2.76 -35.73
CA ASP B 134 -21.22 3.86 -36.65
C ASP B 134 -22.53 4.55 -37.01
N PRO B 135 -22.79 5.76 -36.54
CA PRO B 135 -24.01 6.46 -36.92
C PRO B 135 -24.05 6.85 -38.39
N ASN B 136 -22.91 6.95 -39.07
CA ASN B 136 -22.91 7.30 -40.50
C ASN B 136 -23.71 6.28 -41.32
N ILE B 137 -23.53 4.99 -41.00
CA ILE B 137 -24.21 3.92 -41.72
C ILE B 137 -25.23 3.20 -40.87
N ASP B 138 -25.44 3.62 -39.62
CA ASP B 138 -26.39 3.00 -38.69
C ASP B 138 -26.17 1.50 -38.60
N GLN B 139 -24.95 1.12 -38.18
CA GLN B 139 -24.59 -0.28 -38.14
C GLN B 139 -23.73 -0.58 -36.92
N TRP B 140 -23.92 -1.78 -36.35
CA TRP B 140 -23.11 -2.32 -35.28
C TRP B 140 -22.14 -3.35 -35.82
N SER B 141 -20.84 -3.06 -35.76
CA SER B 141 -19.83 -3.96 -36.29
C SER B 141 -19.08 -4.66 -35.16
N MET B 142 -18.91 -5.97 -35.32
CA MET B 142 -18.32 -6.79 -34.27
C MET B 142 -16.80 -6.69 -34.33
N LEU B 143 -16.20 -6.38 -33.20
CA LEU B 143 -14.76 -6.24 -33.07
C LEU B 143 -14.17 -7.48 -32.40
N GLY B 144 -12.94 -7.38 -31.90
CA GLY B 144 -12.25 -8.52 -31.33
C GLY B 144 -12.56 -8.75 -29.86
N ASP B 145 -12.33 -10.00 -29.43
CA ASP B 145 -12.90 -10.32 -28.12
C ASP B 145 -11.90 -10.17 -26.98
N MET B 146 -12.47 -9.72 -25.87
CA MET B 146 -11.67 -9.62 -24.65
C MET B 146 -11.15 -10.99 -24.24
N GLN B 147 -10.19 -10.99 -23.31
CA GLN B 147 -9.63 -12.23 -22.82
C GLN B 147 -10.52 -12.87 -21.75
N THR B 148 -11.06 -12.08 -20.85
CA THR B 148 -11.96 -12.55 -19.80
C THR B 148 -13.36 -12.03 -20.04
N ALA B 149 -14.35 -12.94 -20.00
CA ALA B 149 -15.75 -12.52 -20.12
C ALA B 149 -16.15 -11.74 -18.87
N ARG B 150 -16.86 -10.63 -19.06
CA ARG B 150 -17.25 -9.79 -17.94
C ARG B 150 -18.65 -9.22 -18.09
N GLU B 151 -19.54 -9.39 -17.12
CA GLU B 151 -20.65 -8.48 -16.94
C GLU B 151 -20.30 -7.56 -15.78
N GLY B 152 -21.02 -6.44 -15.68
CA GLY B 152 -20.84 -5.55 -14.55
C GLY B 152 -19.47 -4.89 -14.49
N ALA B 153 -18.79 -4.77 -15.64
CA ALA B 153 -17.59 -3.98 -15.79
C ALA B 153 -17.93 -2.67 -16.50
N GLY B 154 -16.98 -1.77 -16.54
CA GLY B 154 -17.18 -0.46 -17.14
C GLY B 154 -16.10 -0.11 -18.12
N LEU B 155 -16.49 0.59 -19.18
CA LEU B 155 -15.62 0.95 -20.30
C LEU B 155 -15.23 2.41 -20.21
N VAL B 156 -13.94 2.70 -20.41
CA VAL B 156 -13.50 4.10 -20.36
C VAL B 156 -12.35 4.32 -21.32
N VAL B 157 -12.45 5.40 -22.08
CA VAL B 157 -11.43 5.86 -23.02
C VAL B 157 -10.47 6.80 -22.31
N ALA B 158 -9.19 6.67 -22.62
CA ALA B 158 -8.18 7.66 -22.26
C ALA B 158 -7.18 7.72 -23.41
N SER B 159 -7.14 8.86 -24.10
CA SER B 159 -6.17 9.09 -25.17
C SER B 159 -6.30 8.04 -26.27
N GLY B 160 -7.50 7.91 -26.84
CA GLY B 160 -7.75 6.99 -27.93
C GLY B 160 -7.62 5.52 -27.59
N VAL B 161 -7.46 5.18 -26.31
CA VAL B 161 -7.26 3.81 -25.85
C VAL B 161 -8.42 3.47 -24.89
N ILE B 162 -9.01 2.29 -25.04
CA ILE B 162 -10.17 1.91 -24.24
C ILE B 162 -9.76 0.93 -23.17
N TYR B 163 -10.22 1.16 -21.95
CA TYR B 163 -10.01 0.24 -20.83
C TYR B 163 -11.32 -0.43 -20.45
N CYS B 164 -11.21 -1.70 -20.04
CA CYS B 164 -12.32 -2.45 -19.47
C CYS B 164 -11.87 -2.94 -18.09
N LEU B 165 -12.66 -2.62 -17.05
CA LEU B 165 -12.20 -2.82 -15.67
C LEU B 165 -13.20 -3.64 -14.87
N GLY B 166 -12.69 -4.64 -14.15
CA GLY B 166 -13.52 -5.36 -13.20
C GLY B 166 -14.57 -6.24 -13.85
N GLY B 167 -15.62 -6.50 -13.08
CA GLY B 167 -16.74 -7.29 -13.57
C GLY B 167 -16.89 -8.62 -12.88
N TYR B 168 -17.51 -9.56 -13.60
CA TYR B 168 -17.86 -10.86 -13.02
C TYR B 168 -17.99 -11.80 -14.19
N ASP B 169 -17.25 -12.91 -14.18
CA ASP B 169 -17.18 -13.78 -15.36
C ASP B 169 -18.13 -14.96 -15.29
N GLY B 170 -19.02 -15.00 -14.30
CA GLY B 170 -19.86 -16.13 -14.06
C GLY B 170 -19.45 -16.94 -12.85
N LEU B 171 -18.21 -16.79 -12.38
CA LEU B 171 -17.84 -17.45 -11.14
C LEU B 171 -17.04 -16.56 -10.19
N ASN B 172 -16.31 -15.56 -10.71
CA ASN B 172 -15.44 -14.76 -9.86
C ASN B 172 -15.67 -13.27 -10.06
N ILE B 173 -15.56 -12.52 -8.97
CA ILE B 173 -15.40 -11.07 -9.07
C ILE B 173 -14.00 -10.79 -9.58
N LEU B 174 -13.89 -9.81 -10.48
CA LEU B 174 -12.67 -9.58 -11.22
C LEU B 174 -12.00 -8.30 -10.73
N ASN B 175 -10.68 -8.36 -10.58
CA ASN B 175 -9.87 -7.15 -10.41
C ASN B 175 -8.95 -6.90 -11.61
N SER B 176 -9.06 -7.69 -12.68
CA SER B 176 -8.20 -7.51 -13.84
C SER B 176 -8.70 -6.42 -14.80
N VAL B 177 -7.76 -5.81 -15.51
CA VAL B 177 -8.01 -4.71 -16.44
C VAL B 177 -7.40 -5.07 -17.81
N GLU B 178 -8.18 -4.91 -18.86
CA GLU B 178 -7.73 -5.07 -20.23
C GLU B 178 -7.83 -3.73 -20.93
N LYS B 179 -6.93 -3.48 -21.87
CA LYS B 179 -6.97 -2.27 -22.67
C LYS B 179 -6.97 -2.66 -24.14
N TYR B 180 -7.74 -1.91 -24.92
CA TYR B 180 -7.94 -2.18 -26.33
C TYR B 180 -7.26 -1.07 -27.11
N ASP B 181 -6.37 -1.46 -28.01
CA ASP B 181 -5.70 -0.51 -28.88
C ASP B 181 -6.42 -0.51 -30.22
N PRO B 182 -7.04 0.60 -30.62
CA PRO B 182 -7.66 0.65 -31.95
C PRO B 182 -6.67 0.48 -33.09
N HIS B 183 -5.38 0.77 -32.86
CA HIS B 183 -4.38 0.63 -33.91
C HIS B 183 -4.00 -0.82 -34.15
N THR B 184 -4.13 -1.66 -33.15
CA THR B 184 -3.88 -3.07 -33.35
C THR B 184 -5.13 -3.93 -33.51
N GLY B 185 -6.24 -3.45 -33.00
CA GLY B 185 -7.46 -4.19 -32.97
C GLY B 185 -7.42 -5.28 -31.90
N HIS B 186 -6.51 -5.17 -30.97
CA HIS B 186 -6.35 -6.15 -29.90
C HIS B 186 -6.41 -5.65 -28.49
N TRP B 187 -6.65 -6.57 -27.59
CA TRP B 187 -6.75 -6.34 -26.16
C TRP B 187 -5.55 -6.83 -25.44
N THR B 188 -5.05 -6.04 -24.56
CA THR B 188 -3.87 -6.32 -23.74
C THR B 188 -3.99 -6.07 -22.25
N ASN B 189 -3.06 -6.64 -21.52
CA ASN B 189 -3.08 -6.49 -20.09
C ASN B 189 -2.58 -5.21 -19.49
N VAL B 190 -3.22 -4.88 -18.42
CA VAL B 190 -2.92 -3.71 -17.71
C VAL B 190 -2.88 -4.26 -16.33
N THR B 191 -2.16 -3.57 -15.48
CA THR B 191 -2.04 -3.88 -14.11
C THR B 191 -3.38 -3.87 -13.51
N PRO B 192 -3.59 -4.97 -12.73
CA PRO B 192 -4.90 -5.02 -12.07
C PRO B 192 -5.11 -4.11 -10.87
N MET B 193 -6.38 -3.96 -10.55
CA MET B 193 -6.86 -3.22 -9.42
C MET B 193 -6.58 -3.98 -8.12
N ALA B 194 -6.49 -3.25 -7.03
CA ALA B 194 -6.31 -3.79 -5.70
C ALA B 194 -7.49 -4.61 -5.18
N THR B 195 -8.69 -4.14 -5.42
CA THR B 195 -9.91 -4.78 -4.98
C THR B 195 -10.69 -5.36 -6.16
N LYS B 196 -11.08 -6.63 -6.06
CA LYS B 196 -12.08 -7.19 -6.97
C LYS B 196 -13.37 -6.39 -6.86
N ARG B 197 -13.80 -5.78 -7.97
CA ARG B 197 -15.04 -5.00 -7.95
C ARG B 197 -15.91 -5.35 -9.16
N SER B 198 -17.13 -5.81 -8.89
CA SER B 198 -18.19 -5.82 -9.89
C SER B 198 -19.23 -4.76 -9.55
N GLY B 199 -19.81 -4.16 -10.59
CA GLY B 199 -20.79 -3.10 -10.39
C GLY B 199 -20.22 -1.80 -9.86
N ALA B 200 -18.98 -1.47 -10.22
CA ALA B 200 -18.34 -0.22 -9.85
C ALA B 200 -18.53 0.84 -10.93
N GLY B 201 -18.55 2.10 -10.50
CA GLY B 201 -18.54 3.22 -11.47
C GLY B 201 -17.14 3.61 -11.90
N VAL B 202 -17.00 4.04 -13.16
CA VAL B 202 -15.69 4.30 -13.74
C VAL B 202 -15.71 5.60 -14.54
N ALA B 203 -14.60 6.34 -14.45
CA ALA B 203 -14.54 7.68 -15.05
C ALA B 203 -13.09 8.12 -15.16
N LEU B 204 -12.82 8.93 -16.20
CA LEU B 204 -11.53 9.61 -16.35
C LEU B 204 -11.61 11.00 -15.72
N LEU B 205 -10.83 11.23 -14.70
CA LEU B 205 -10.75 12.53 -14.08
C LEU B 205 -9.30 12.91 -14.23
N ASN B 206 -9.07 13.94 -15.01
CA ASN B 206 -7.77 14.42 -15.36
C ASN B 206 -7.05 13.21 -15.92
N ASP B 207 -5.87 12.80 -15.52
CA ASP B 207 -5.25 11.68 -16.20
C ASP B 207 -5.39 10.34 -15.48
N HIS B 208 -6.26 10.28 -14.49
CA HIS B 208 -6.41 9.08 -13.69
C HIS B 208 -7.74 8.41 -14.00
N ILE B 209 -7.74 7.09 -13.91
CA ILE B 209 -8.97 6.30 -14.04
C ILE B 209 -9.46 5.99 -12.63
N TYR B 210 -10.56 6.62 -12.25
CA TYR B 210 -11.19 6.39 -10.96
C TYR B 210 -12.18 5.23 -11.04
N VAL B 211 -12.10 4.32 -10.08
CA VAL B 211 -13.06 3.22 -9.92
C VAL B 211 -13.71 3.37 -8.54
N VAL B 212 -15.04 3.44 -8.53
CA VAL B 212 -15.77 3.76 -7.32
C VAL B 212 -16.67 2.59 -6.91
N GLY B 213 -16.55 2.15 -5.67
CA GLY B 213 -17.47 1.21 -5.06
C GLY B 213 -17.57 -0.12 -5.78
N GLY B 214 -18.77 -0.71 -5.72
CA GLY B 214 -18.99 -2.04 -6.26
C GLY B 214 -19.08 -3.10 -5.18
N PHE B 215 -19.10 -4.34 -5.64
CA PHE B 215 -19.23 -5.55 -4.81
C PHE B 215 -18.01 -6.48 -4.91
N ASP B 216 -17.41 -6.82 -3.77
CA ASP B 216 -16.22 -7.65 -3.78
C ASP B 216 -16.45 -9.13 -3.65
N GLY B 217 -17.70 -9.52 -3.61
CA GLY B 217 -18.11 -10.88 -3.39
C GLY B 217 -18.55 -11.09 -1.95
N THR B 218 -18.19 -10.19 -1.06
CA THR B 218 -18.58 -10.28 0.33
C THR B 218 -19.18 -8.93 0.87
N ALA B 219 -18.50 -7.85 0.62
CA ALA B 219 -18.96 -6.57 1.03
C ALA B 219 -19.30 -5.59 -0.07
N HIS B 220 -20.37 -4.85 0.14
CA HIS B 220 -20.71 -3.75 -0.74
C HIS B 220 -19.78 -2.57 -0.40
N LEU B 221 -19.11 -2.03 -1.40
CA LEU B 221 -17.92 -1.21 -1.17
C LEU B 221 -18.17 0.29 -1.23
N SER B 222 -17.62 0.99 -0.23
CA SER B 222 -17.47 2.44 -0.24
C SER B 222 -16.08 2.87 -0.69
N SER B 223 -15.17 1.92 -0.95
CA SER B 223 -13.81 2.25 -1.31
C SER B 223 -13.73 2.76 -2.75
N VAL B 224 -12.61 3.41 -3.06
CA VAL B 224 -12.31 3.97 -4.37
C VAL B 224 -10.82 3.75 -4.64
N GLU B 225 -10.48 3.33 -5.86
CA GLU B 225 -9.10 3.37 -6.35
C GLU B 225 -9.03 4.25 -7.59
N ALA B 226 -7.82 4.76 -7.87
CA ALA B 226 -7.56 5.52 -9.08
C ALA B 226 -6.25 5.03 -9.73
N TYR B 227 -6.23 5.04 -11.05
CA TYR B 227 -5.13 4.45 -11.81
C TYR B 227 -4.36 5.55 -12.54
N ASN B 228 -3.13 5.78 -12.10
CA ASN B 228 -2.23 6.69 -12.80
C ASN B 228 -1.82 6.03 -14.11
N ILE B 229 -2.31 6.55 -15.24
CA ILE B 229 -1.96 5.96 -16.53
C ILE B 229 -0.46 6.09 -16.80
N ARG B 230 0.11 7.28 -16.54
CA ARG B 230 1.49 7.57 -16.92
C ARG B 230 2.49 6.76 -16.11
N THR B 231 2.16 6.36 -14.88
CA THR B 231 3.11 5.65 -14.03
C THR B 231 2.69 4.21 -13.75
N ASP B 232 1.58 3.75 -14.33
CA ASP B 232 1.06 2.38 -14.27
C ASP B 232 1.07 1.84 -12.85
N SER B 233 0.35 2.57 -12.02
CA SER B 233 0.19 2.18 -10.62
C SER B 233 -1.18 2.57 -10.11
N TRP B 234 -1.76 1.69 -9.29
CA TRP B 234 -3.03 1.93 -8.62
C TRP B 234 -2.77 2.48 -7.23
N THR B 235 -3.49 3.54 -6.88
CA THR B 235 -3.45 4.08 -5.53
C THR B 235 -4.88 4.23 -4.99
N THR B 236 -4.98 4.15 -3.67
CA THR B 236 -6.27 4.25 -3.00
C THR B 236 -6.69 5.72 -2.84
N VAL B 237 -8.00 5.93 -2.88
CA VAL B 237 -8.62 7.24 -2.84
C VAL B 237 -9.59 7.27 -1.67
N THR B 238 -9.74 8.44 -1.04
CA THR B 238 -10.79 8.65 -0.04
C THR B 238 -12.07 7.94 -0.44
N SER B 239 -12.72 7.30 0.55
CA SER B 239 -13.95 6.54 0.32
C SER B 239 -15.18 7.44 0.25
N MET B 240 -16.20 6.94 -0.44
CA MET B 240 -17.49 7.62 -0.58
C MET B 240 -18.23 7.68 0.75
N THR B 241 -19.25 8.55 0.80
CA THR B 241 -20.00 8.72 2.04
C THR B 241 -20.73 7.46 2.43
N THR B 242 -20.99 6.57 1.47
CA THR B 242 -21.71 5.33 1.70
C THR B 242 -21.39 4.36 0.59
N PRO B 243 -21.45 3.05 0.84
CA PRO B 243 -21.24 2.09 -0.23
C PRO B 243 -22.28 2.22 -1.33
N ARG B 244 -21.83 2.01 -2.56
CA ARG B 244 -22.64 2.13 -3.76
C ARG B 244 -22.26 0.96 -4.65
N CYS B 245 -23.25 0.28 -5.21
CA CYS B 245 -23.03 -0.90 -6.03
CA CYS B 245 -22.95 -0.83 -6.11
C CYS B 245 -23.99 -0.84 -7.23
N TYR B 246 -23.51 -1.14 -8.43
CA TYR B 246 -24.27 -0.92 -9.67
C TYR B 246 -24.64 0.55 -9.77
N VAL B 247 -23.59 1.36 -9.80
CA VAL B 247 -23.66 2.81 -9.68
C VAL B 247 -23.06 3.43 -10.95
N GLY B 248 -23.72 4.46 -11.46
CA GLY B 248 -23.14 5.22 -12.54
C GLY B 248 -22.03 6.13 -12.05
N ALA B 249 -21.08 6.39 -12.93
CA ALA B 249 -19.97 7.29 -12.63
C ALA B 249 -19.79 8.27 -13.75
N THR B 250 -19.49 9.51 -13.40
CA THR B 250 -19.42 10.54 -14.44
C THR B 250 -18.54 11.69 -13.96
N VAL B 251 -18.05 12.44 -14.93
CA VAL B 251 -17.18 13.58 -14.68
C VAL B 251 -17.82 14.81 -15.31
N LEU B 252 -17.97 15.86 -14.52
CA LEU B 252 -18.54 17.12 -14.99
C LEU B 252 -17.73 18.26 -14.39
N ARG B 253 -17.44 19.26 -15.21
CA ARG B 253 -16.64 20.42 -14.84
C ARG B 253 -15.51 20.04 -13.89
N GLY B 254 -14.79 18.99 -14.25
CA GLY B 254 -13.61 18.59 -13.51
C GLY B 254 -13.86 18.03 -12.12
N ARG B 255 -15.04 17.48 -11.88
CA ARG B 255 -15.32 16.77 -10.64
C ARG B 255 -15.97 15.44 -10.97
N LEU B 256 -15.77 14.46 -10.10
CA LEU B 256 -16.29 13.12 -10.31
C LEU B 256 -17.57 12.92 -9.51
N TYR B 257 -18.62 12.45 -10.18
CA TYR B 257 -19.91 12.18 -9.55
C TYR B 257 -20.21 10.69 -9.57
N ALA B 258 -20.69 10.18 -8.43
CA ALA B 258 -21.23 8.82 -8.31
C ALA B 258 -22.73 8.90 -8.04
N ILE B 259 -23.51 8.14 -8.82
CA ILE B 259 -24.94 8.42 -8.96
C ILE B 259 -25.74 7.21 -8.47
N ALA B 260 -26.46 7.39 -7.37
CA ALA B 260 -27.43 6.43 -6.83
C ALA B 260 -26.74 5.07 -6.64
N GLY B 261 -27.34 3.98 -7.09
CA GLY B 261 -26.85 2.65 -6.80
C GLY B 261 -27.59 1.97 -5.68
N TYR B 262 -26.91 1.00 -5.07
CA TYR B 262 -27.48 0.12 -4.07
C TYR B 262 -26.46 0.03 -2.94
N ASP B 263 -26.87 0.34 -1.72
CA ASP B 263 -25.90 0.43 -0.63
C ASP B 263 -25.73 -0.88 0.12
N GLY B 264 -26.49 -1.91 -0.24
CA GLY B 264 -26.53 -3.15 0.50
C GLY B 264 -27.81 -3.34 1.29
N ASN B 265 -28.52 -2.25 1.60
CA ASN B 265 -29.79 -2.34 2.31
C ASN B 265 -30.96 -1.76 1.51
N SER B 266 -30.80 -0.58 0.93
CA SER B 266 -31.88 0.01 0.15
C SER B 266 -31.31 0.61 -1.13
N LEU B 267 -32.21 0.96 -2.05
CA LEU B 267 -31.83 1.64 -3.28
C LEU B 267 -31.62 3.11 -2.97
N LEU B 268 -30.54 3.67 -3.50
CA LEU B 268 -30.14 5.04 -3.20
C LEU B 268 -30.76 6.03 -4.20
N SER B 269 -30.89 7.27 -3.73
CA SER B 269 -31.35 8.35 -4.59
C SER B 269 -30.40 9.54 -4.58
N SER B 270 -29.25 9.43 -3.93
CA SER B 270 -28.34 10.56 -3.81
C SER B 270 -27.17 10.47 -4.80
N ILE B 271 -26.71 11.64 -5.23
CA ILE B 271 -25.45 11.78 -5.95
C ILE B 271 -24.46 12.41 -5.00
N GLU B 272 -23.28 11.81 -4.89
CA GLU B 272 -22.17 12.46 -4.20
C GLU B 272 -21.03 12.76 -5.17
N CYS B 273 -20.28 13.82 -4.85
CA CYS B 273 -19.32 14.44 -5.75
C CYS B 273 -17.94 14.42 -5.10
N TYR B 274 -16.95 13.89 -5.82
CA TYR B 274 -15.55 13.96 -5.41
C TYR B 274 -14.90 15.19 -6.04
N ASP B 275 -14.33 16.06 -5.22
CA ASP B 275 -13.63 17.26 -5.68
C ASP B 275 -12.16 17.12 -5.30
N PRO B 276 -11.22 17.12 -6.26
CA PRO B 276 -9.80 16.93 -5.89
C PRO B 276 -9.20 18.08 -5.09
N ILE B 277 -9.81 19.27 -5.11
CA ILE B 277 -9.32 20.43 -4.36
C ILE B 277 -9.37 20.17 -2.86
N ILE B 278 -10.34 19.39 -2.39
CA ILE B 278 -10.44 19.06 -0.98
C ILE B 278 -10.20 17.59 -0.72
N ASP B 279 -10.06 16.77 -1.73
CA ASP B 279 -9.86 15.34 -1.73
C ASP B 279 -10.84 14.55 -0.91
N SER B 280 -12.08 14.91 -1.04
CA SER B 280 -13.20 14.25 -0.38
C SER B 280 -14.54 14.30 -1.10
N TRP B 281 -15.50 13.65 -0.52
CA TRP B 281 -16.81 13.52 -1.10
C TRP B 281 -17.92 14.31 -0.46
N GLU B 282 -18.60 15.11 -1.23
CA GLU B 282 -19.74 15.91 -0.76
C GLU B 282 -21.02 15.39 -1.43
N VAL B 283 -22.02 15.06 -0.61
CA VAL B 283 -23.35 14.78 -1.13
C VAL B 283 -23.93 16.07 -1.71
N VAL B 284 -24.42 16.01 -2.94
CA VAL B 284 -24.90 17.21 -3.62
C VAL B 284 -26.40 17.20 -3.85
N THR B 285 -27.05 16.05 -3.67
CA THR B 285 -28.50 15.95 -3.69
C THR B 285 -28.88 14.56 -3.22
N SER B 286 -30.11 14.45 -2.71
CA SER B 286 -30.70 13.16 -2.38
C SER B 286 -32.10 13.06 -2.96
N MET B 287 -32.33 13.74 -4.09
CA MET B 287 -33.68 13.95 -4.61
C MET B 287 -34.01 13.16 -5.88
N GLY B 288 -33.05 12.43 -6.46
CA GLY B 288 -33.34 11.65 -7.65
C GLY B 288 -34.15 10.41 -7.33
N THR B 289 -34.60 9.73 -8.38
CA THR B 289 -35.27 8.44 -8.22
C THR B 289 -34.38 7.49 -7.42
N GLN B 290 -34.95 6.43 -6.84
CA GLN B 290 -34.16 5.35 -6.26
C GLN B 290 -33.91 4.29 -7.32
N ARG B 291 -32.66 3.93 -7.53
CA ARG B 291 -32.40 3.00 -8.63
C ARG B 291 -30.94 2.60 -8.66
N CYS B 292 -30.68 1.41 -9.21
CA CYS B 292 -29.34 0.98 -9.56
C CYS B 292 -29.39 0.33 -10.95
N ASP B 293 -28.20 -0.05 -11.45
CA ASP B 293 -27.95 -0.49 -12.83
C ASP B 293 -28.72 0.33 -13.87
N ALA B 294 -28.65 1.64 -13.73
CA ALA B 294 -29.13 2.54 -14.77
C ALA B 294 -28.02 2.81 -15.77
N GLY B 295 -28.35 3.56 -16.82
CA GLY B 295 -27.34 4.19 -17.65
C GLY B 295 -27.18 5.65 -17.25
N VAL B 296 -25.95 6.14 -17.33
CA VAL B 296 -25.64 7.54 -17.02
C VAL B 296 -24.76 8.10 -18.13
N CYS B 297 -24.87 9.42 -18.36
CA CYS B 297 -24.04 10.09 -19.35
C CYS B 297 -24.16 11.60 -19.16
N VAL B 298 -23.31 12.34 -19.88
CA VAL B 298 -23.24 13.80 -19.78
C VAL B 298 -23.83 14.43 -21.04
N LEU B 299 -24.47 15.59 -20.86
CA LEU B 299 -24.90 16.29 -22.05
C LEU B 299 -24.57 17.77 -21.95
N ARG B 300 -24.23 18.26 -23.14
CA ARG B 300 -23.78 19.62 -23.31
C ARG B 300 -24.97 20.58 -23.41
N GLU B 301 -24.71 21.86 -23.11
CA GLU B 301 -25.68 22.93 -23.30
C GLU B 301 -24.95 24.25 -23.62
N ALA C 13 14.79 -38.67 3.46
CA ALA C 13 14.20 -37.36 3.68
C ALA C 13 15.11 -36.25 3.17
N ASN C 14 16.27 -36.64 2.63
CA ASN C 14 17.29 -35.69 2.19
C ASN C 14 17.04 -35.34 0.73
N GLU C 15 16.68 -34.08 0.48
CA GLU C 15 16.42 -33.59 -0.87
C GLU C 15 17.57 -32.71 -1.34
N VAL C 16 17.82 -32.70 -2.65
CA VAL C 16 18.83 -31.82 -3.25
C VAL C 16 18.31 -31.27 -4.57
N LEU C 17 18.93 -30.18 -5.02
CA LEU C 17 18.55 -29.46 -6.24
C LEU C 17 19.42 -29.88 -7.41
N LEU C 18 18.80 -29.91 -8.59
CA LEU C 18 19.48 -30.27 -9.83
C LEU C 18 19.35 -29.15 -10.85
N VAL C 19 20.45 -28.87 -11.55
CA VAL C 19 20.51 -27.81 -12.56
C VAL C 19 21.09 -28.43 -13.82
N VAL C 20 20.36 -28.35 -14.95
CA VAL C 20 20.76 -29.00 -16.19
C VAL C 20 20.67 -28.03 -17.36
N GLY C 21 21.69 -28.06 -18.23
CA GLY C 21 21.66 -27.32 -19.49
C GLY C 21 21.75 -25.80 -19.33
N GLY C 22 21.23 -25.11 -20.33
CA GLY C 22 21.15 -23.66 -20.30
C GLY C 22 22.21 -22.99 -21.15
N PHE C 23 22.29 -21.67 -20.96
CA PHE C 23 23.18 -20.79 -21.70
C PHE C 23 24.41 -20.50 -20.83
N GLY C 24 25.56 -21.00 -21.25
CA GLY C 24 26.78 -20.86 -20.48
C GLY C 24 27.50 -19.56 -20.78
N SER C 25 28.70 -19.46 -20.24
CA SER C 25 29.44 -18.20 -20.27
C SER C 25 30.16 -18.00 -21.59
N GLN C 26 30.32 -19.03 -22.42
CA GLN C 26 30.86 -18.88 -23.76
C GLN C 26 29.76 -18.67 -24.80
N GLN C 27 28.62 -18.12 -24.38
CA GLN C 27 27.52 -17.79 -25.28
C GLN C 27 27.12 -18.97 -26.16
N SER C 28 27.06 -20.14 -25.56
CA SER C 28 26.62 -21.35 -26.23
C SER C 28 25.68 -22.12 -25.32
N PRO C 29 24.87 -23.01 -25.87
CA PRO C 29 24.14 -23.96 -25.02
C PRO C 29 25.10 -25.02 -24.49
N ILE C 30 24.80 -25.54 -23.29
CA ILE C 30 25.74 -26.41 -22.60
C ILE C 30 25.07 -27.73 -22.21
N ASP C 31 25.90 -28.72 -21.90
CA ASP C 31 25.43 -30.05 -21.51
C ASP C 31 25.65 -30.33 -20.02
N VAL C 32 26.02 -29.32 -19.22
CA VAL C 32 26.44 -29.52 -17.84
C VAL C 32 25.22 -29.80 -16.96
N VAL C 33 25.37 -30.79 -16.07
CA VAL C 33 24.34 -31.22 -15.12
C VAL C 33 24.97 -31.17 -13.73
N GLU C 34 24.41 -30.32 -12.85
CA GLU C 34 24.96 -30.09 -11.52
C GLU C 34 23.97 -30.50 -10.43
N LYS C 35 24.54 -30.85 -9.29
CA LYS C 35 23.81 -31.16 -8.07
C LYS C 35 24.24 -30.16 -6.99
N TYR C 36 23.27 -29.65 -6.22
CA TYR C 36 23.55 -28.78 -5.08
C TYR C 36 22.80 -29.27 -3.85
N ASP C 37 23.56 -29.69 -2.83
CA ASP C 37 23.02 -30.14 -1.56
C ASP C 37 23.05 -28.97 -0.59
N PRO C 38 21.91 -28.41 -0.19
CA PRO C 38 21.96 -27.22 0.67
C PRO C 38 22.38 -27.51 2.11
N LYS C 39 22.37 -28.77 2.56
CA LYS C 39 22.86 -29.07 3.91
C LYS C 39 24.39 -29.00 3.96
N THR C 40 25.04 -30.01 3.40
CA THR C 40 26.50 -30.02 3.26
C THR C 40 27.02 -28.81 2.48
N GLN C 41 26.15 -28.16 1.71
CA GLN C 41 26.50 -27.00 0.91
C GLN C 41 27.54 -27.33 -0.15
N GLU C 42 27.54 -28.59 -0.62
CA GLU C 42 28.43 -29.03 -1.70
C GLU C 42 27.72 -29.01 -3.05
N TRP C 43 28.45 -28.58 -4.07
CA TRP C 43 28.11 -28.81 -5.47
C TRP C 43 28.77 -30.11 -5.95
N SER C 44 28.12 -30.79 -6.89
CA SER C 44 28.80 -31.89 -7.57
C SER C 44 28.27 -32.00 -9.00
N PHE C 45 29.05 -32.68 -9.85
CA PHE C 45 28.61 -32.93 -11.22
C PHE C 45 27.92 -34.29 -11.29
N LEU C 46 26.91 -34.38 -12.15
CA LEU C 46 26.28 -35.61 -12.59
C LEU C 46 26.67 -35.82 -14.04
N PRO C 47 26.35 -36.97 -14.63
CA PRO C 47 26.63 -37.14 -16.06
C PRO C 47 25.93 -36.09 -16.91
N SER C 48 26.68 -35.57 -17.89
CA SER C 48 26.17 -34.59 -18.83
C SER C 48 25.04 -35.19 -19.68
N ILE C 49 24.12 -34.32 -20.12
CA ILE C 49 23.10 -34.73 -21.08
C ILE C 49 23.70 -34.94 -22.46
N THR C 50 22.94 -35.60 -23.33
CA THR C 50 23.48 -36.06 -24.59
C THR C 50 23.68 -34.92 -25.57
N ARG C 51 22.74 -33.97 -25.64
CA ARG C 51 23.01 -32.82 -26.48
C ARG C 51 22.96 -31.55 -25.64
N LYS C 52 23.71 -30.55 -26.11
CA LYS C 52 23.68 -29.24 -25.47
C LYS C 52 22.30 -28.60 -25.67
N ARG C 53 21.66 -28.21 -24.58
CA ARG C 53 20.31 -27.65 -24.65
C ARG C 53 20.25 -26.38 -23.82
N ARG C 54 19.85 -25.29 -24.45
CA ARG C 54 19.33 -24.15 -23.72
C ARG C 54 17.81 -24.09 -23.87
N TYR C 55 17.18 -23.16 -23.15
CA TYR C 55 15.72 -22.99 -23.18
C TYR C 55 14.98 -24.27 -22.81
N VAL C 56 15.57 -25.07 -21.94
CA VAL C 56 15.17 -26.46 -21.75
C VAL C 56 14.45 -26.57 -20.40
N ALA C 57 13.65 -27.63 -20.26
CA ALA C 57 12.98 -27.91 -18.99
C ALA C 57 13.40 -29.26 -18.44
N SER C 58 13.22 -29.42 -17.12
CA SER C 58 13.50 -30.66 -16.40
C SER C 58 12.45 -30.90 -15.29
N VAL C 59 12.06 -32.17 -15.10
CA VAL C 59 11.28 -32.62 -13.95
C VAL C 59 11.87 -33.93 -13.46
N SER C 60 11.52 -34.28 -12.22
CA SER C 60 11.81 -35.56 -11.59
C SER C 60 10.51 -36.31 -11.30
N LEU C 61 10.59 -37.64 -11.43
CA LEU C 61 9.43 -38.51 -11.30
C LEU C 61 9.86 -39.97 -11.22
N HIS C 62 9.50 -40.63 -10.11
CA HIS C 62 9.85 -42.03 -9.89
C HIS C 62 11.37 -42.22 -9.87
N ASP C 63 12.06 -41.31 -9.19
CA ASP C 63 13.52 -41.25 -9.17
C ASP C 63 14.12 -41.17 -10.57
N ARG C 64 13.38 -40.65 -11.54
CA ARG C 64 13.76 -40.46 -12.93
C ARG C 64 13.88 -38.96 -13.19
N ILE C 65 15.01 -38.48 -13.73
CA ILE C 65 15.17 -37.10 -14.16
C ILE C 65 14.87 -37.04 -15.64
N TYR C 66 13.99 -36.14 -16.04
CA TYR C 66 13.68 -35.91 -17.44
C TYR C 66 14.21 -34.55 -17.84
N VAL C 67 14.80 -34.49 -19.03
CA VAL C 67 15.20 -33.25 -19.67
C VAL C 67 14.39 -33.13 -20.94
N ILE C 68 13.71 -31.99 -21.11
CA ILE C 68 12.61 -31.90 -22.07
C ILE C 68 12.85 -30.74 -23.02
N GLY C 69 12.73 -31.01 -24.31
CA GLY C 69 12.75 -29.95 -25.28
C GLY C 69 14.03 -29.15 -25.21
N GLY C 70 13.91 -27.90 -25.58
CA GLY C 70 15.03 -26.98 -25.56
C GLY C 70 15.45 -26.58 -26.96
N TYR C 71 16.59 -25.91 -27.03
CA TYR C 71 17.16 -25.43 -28.28
C TYR C 71 18.66 -25.68 -28.23
N ASP C 72 19.18 -26.33 -29.28
CA ASP C 72 20.57 -26.78 -29.28
C ASP C 72 21.48 -25.84 -30.06
N GLY C 73 21.02 -24.63 -30.40
CA GLY C 73 21.80 -23.72 -31.21
C GLY C 73 21.43 -23.75 -32.69
N ARG C 74 20.92 -24.88 -33.19
CA ARG C 74 20.40 -24.98 -34.55
C ARG C 74 18.88 -25.12 -34.59
N SER C 75 18.31 -26.05 -33.82
CA SER C 75 16.89 -26.37 -33.85
C SER C 75 16.30 -26.33 -32.43
N ARG C 76 15.02 -26.11 -32.38
CA ARG C 76 14.22 -26.22 -31.19
C ARG C 76 13.89 -27.74 -31.10
N LEU C 77 13.78 -28.30 -29.93
CA LEU C 77 13.59 -29.72 -29.78
C LEU C 77 12.32 -30.28 -29.21
N SER C 78 11.99 -31.48 -29.67
CA SER C 78 10.90 -32.27 -29.19
C SER C 78 11.43 -33.47 -28.43
N SER C 79 12.72 -33.65 -28.50
CA SER C 79 13.48 -34.73 -27.92
C SER C 79 13.42 -34.80 -26.40
N VAL C 80 13.39 -35.99 -25.84
CA VAL C 80 13.30 -36.14 -24.39
C VAL C 80 14.27 -37.23 -23.98
N GLU C 81 15.02 -37.02 -22.89
CA GLU C 81 15.88 -38.07 -22.36
C GLU C 81 15.77 -38.13 -20.83
N CYS C 82 16.28 -39.21 -20.28
CA CYS C 82 15.90 -39.66 -18.95
C CYS C 82 17.09 -40.32 -18.27
N LEU C 83 17.23 -40.10 -16.96
CA LEU C 83 18.35 -40.66 -16.20
C LEU C 83 17.82 -41.22 -14.88
N ASP C 84 18.04 -42.52 -14.67
CA ASP C 84 17.65 -43.16 -13.41
C ASP C 84 18.67 -42.76 -12.34
N TYR C 85 18.26 -41.93 -11.37
CA TYR C 85 19.23 -41.22 -10.54
C TYR C 85 19.98 -42.13 -9.58
N THR C 86 19.34 -43.20 -9.17
CA THR C 86 19.90 -44.14 -8.20
C THR C 86 21.23 -44.69 -8.67
N GLY C 91 24.78 -44.52 -13.95
CA GLY C 91 24.06 -43.31 -14.37
C GLY C 91 24.27 -43.00 -15.83
N VAL C 92 23.40 -43.50 -16.69
CA VAL C 92 23.57 -43.08 -18.11
C VAL C 92 22.24 -42.51 -18.62
N TRP C 93 22.35 -41.40 -19.35
CA TRP C 93 21.15 -40.83 -19.95
C TRP C 93 20.65 -41.73 -21.06
N TYR C 94 19.34 -41.71 -21.29
CA TYR C 94 18.75 -42.51 -22.37
C TYR C 94 17.49 -41.84 -22.92
N SER C 95 17.29 -41.97 -24.23
CA SER C 95 16.15 -41.38 -24.91
C SER C 95 14.85 -42.16 -24.67
N VAL C 96 13.76 -41.42 -24.44
CA VAL C 96 12.41 -41.98 -24.46
C VAL C 96 11.65 -41.22 -25.54
N ALA C 97 10.32 -41.32 -25.51
CA ALA C 97 9.47 -40.85 -26.59
C ALA C 97 9.48 -39.33 -26.70
N PRO C 98 9.38 -38.81 -27.92
CA PRO C 98 9.44 -37.36 -28.11
C PRO C 98 8.10 -36.66 -27.94
N MET C 99 8.18 -35.40 -27.51
CA MET C 99 6.99 -34.56 -27.52
C MET C 99 6.43 -34.43 -28.92
N ASN C 100 5.12 -34.20 -29.02
CA ASN C 100 4.48 -33.93 -30.31
C ASN C 100 5.00 -32.63 -30.93
N VAL C 101 5.35 -31.67 -30.12
CA VAL C 101 5.78 -30.43 -30.62
C VAL C 101 7.15 -30.01 -30.08
N ARG C 102 7.90 -29.30 -30.93
CA ARG C 102 9.22 -28.78 -30.58
C ARG C 102 8.99 -27.54 -29.66
N ARG C 103 9.60 -27.52 -28.50
CA ARG C 103 9.36 -26.51 -27.47
C ARG C 103 10.63 -26.07 -26.77
N GLY C 104 10.89 -24.78 -26.83
CA GLY C 104 11.85 -24.16 -25.93
C GLY C 104 11.17 -23.06 -25.13
N LEU C 105 11.66 -22.86 -23.91
CA LEU C 105 11.01 -21.95 -22.95
C LEU C 105 9.55 -22.35 -22.73
N ALA C 106 9.35 -23.63 -22.40
CA ALA C 106 8.06 -24.18 -22.03
C ALA C 106 7.97 -24.38 -20.53
N GLY C 107 6.74 -24.36 -20.01
CA GLY C 107 6.49 -24.81 -18.65
C GLY C 107 6.40 -26.32 -18.58
N ALA C 108 6.78 -26.86 -17.42
CA ALA C 108 6.82 -28.30 -17.22
C ALA C 108 6.68 -28.60 -15.73
N THR C 109 5.83 -29.58 -15.42
CA THR C 109 5.61 -30.03 -14.06
C THR C 109 5.11 -31.45 -14.10
N THR C 110 4.96 -32.06 -12.93
CA THR C 110 4.41 -33.39 -12.83
C THR C 110 3.10 -33.35 -12.04
N LEU C 111 2.19 -34.26 -12.38
CA LEU C 111 0.89 -34.39 -11.72
C LEU C 111 0.49 -35.85 -11.80
N GLY C 112 0.11 -36.44 -10.66
CA GLY C 112 -0.04 -37.88 -10.62
C GLY C 112 1.31 -38.51 -10.91
N ASP C 113 1.31 -39.46 -11.82
CA ASP C 113 2.52 -40.08 -12.33
C ASP C 113 2.70 -39.75 -13.79
N MET C 114 2.47 -38.52 -14.15
CA MET C 114 2.56 -38.02 -15.47
C MET C 114 3.32 -36.69 -15.61
N ILE C 115 3.75 -36.35 -16.78
CA ILE C 115 4.45 -35.10 -17.00
C ILE C 115 3.60 -34.21 -17.91
N TYR C 116 3.45 -32.95 -17.55
CA TYR C 116 2.68 -32.02 -18.37
C TYR C 116 3.60 -30.88 -18.78
N VAL C 117 3.58 -30.53 -20.07
CA VAL C 117 4.42 -29.50 -20.63
C VAL C 117 3.55 -28.66 -21.56
N SER C 118 3.57 -27.34 -21.39
CA SER C 118 2.71 -26.45 -22.16
C SER C 118 3.52 -25.30 -22.75
N GLY C 119 2.96 -24.69 -23.79
CA GLY C 119 3.51 -23.54 -24.46
C GLY C 119 4.91 -23.78 -25.00
N GLY C 120 5.69 -22.70 -25.03
CA GLY C 120 7.02 -22.70 -25.60
C GLY C 120 7.06 -22.13 -27.01
N PHE C 121 8.24 -22.20 -27.61
CA PHE C 121 8.53 -21.59 -28.90
C PHE C 121 9.23 -22.62 -29.77
N ASP C 122 8.62 -22.96 -30.91
CA ASP C 122 9.19 -23.91 -31.88
C ASP C 122 10.12 -23.28 -32.91
N GLY C 123 10.39 -21.97 -32.83
CA GLY C 123 11.18 -21.27 -33.82
C GLY C 123 10.35 -20.36 -34.71
N SER C 124 9.05 -20.62 -34.82
CA SER C 124 8.14 -19.83 -35.64
C SER C 124 6.91 -19.36 -34.90
N ARG C 125 6.39 -20.14 -33.95
CA ARG C 125 5.19 -19.75 -33.21
C ARG C 125 5.32 -20.14 -31.75
N ARG C 126 4.91 -19.25 -30.86
CA ARG C 126 4.60 -19.63 -29.50
C ARG C 126 3.35 -20.51 -29.50
N HIS C 127 3.28 -21.44 -28.55
CA HIS C 127 2.20 -22.42 -28.52
C HIS C 127 1.21 -22.14 -27.40
N THR C 128 -0.06 -22.41 -27.69
CA THR C 128 -1.10 -22.51 -26.67
C THR C 128 -1.21 -23.91 -26.09
N SER C 129 -0.81 -24.93 -26.85
CA SER C 129 -1.11 -26.32 -26.55
C SER C 129 -0.31 -26.82 -25.35
N MET C 130 -0.69 -27.94 -24.82
CA MET C 130 -0.04 -28.58 -23.70
C MET C 130 -0.12 -30.03 -24.05
N GLU C 131 0.83 -30.81 -23.62
CA GLU C 131 0.87 -32.21 -23.83
C GLU C 131 1.32 -32.98 -22.56
N ARG C 132 0.90 -34.24 -22.40
CA ARG C 132 1.15 -35.07 -21.25
C ARG C 132 1.85 -36.38 -21.52
N TYR C 133 2.83 -36.73 -20.71
CA TYR C 133 3.63 -37.95 -20.89
C TYR C 133 3.23 -38.99 -19.87
N ASP C 134 2.94 -40.19 -20.36
CA ASP C 134 2.61 -41.33 -19.51
C ASP C 134 3.81 -42.27 -19.53
N PRO C 135 4.59 -42.35 -18.45
CA PRO C 135 5.69 -43.32 -18.43
C PRO C 135 5.24 -44.76 -18.60
N ASN C 136 4.00 -45.08 -18.21
CA ASN C 136 3.53 -46.45 -18.32
C ASN C 136 3.55 -46.92 -19.78
N ILE C 137 3.20 -46.03 -20.71
CA ILE C 137 3.17 -46.38 -22.13
C ILE C 137 4.20 -45.66 -22.95
N ASP C 138 4.98 -44.77 -22.33
CA ASP C 138 6.01 -44.02 -23.03
C ASP C 138 5.41 -43.30 -24.23
N GLN C 139 4.44 -42.43 -23.95
CA GLN C 139 3.79 -41.66 -25.01
C GLN C 139 3.43 -40.27 -24.51
N TRP C 140 3.56 -39.29 -25.40
CA TRP C 140 3.08 -37.93 -25.19
C TRP C 140 1.75 -37.72 -25.90
N SER C 141 0.69 -37.39 -25.17
CA SER C 141 -0.61 -37.11 -25.75
C SER C 141 -1.01 -35.68 -25.56
N MET C 142 -1.53 -35.08 -26.61
CA MET C 142 -1.99 -33.71 -26.58
C MET C 142 -3.24 -33.49 -25.79
N LEU C 143 -3.34 -32.40 -25.09
CA LEU C 143 -4.51 -32.06 -24.34
C LEU C 143 -5.06 -30.72 -24.79
N GLY C 144 -5.84 -30.06 -23.98
CA GLY C 144 -6.40 -28.76 -24.29
C GLY C 144 -5.48 -27.55 -24.47
N ASP C 145 -5.93 -26.60 -25.26
CA ASP C 145 -5.13 -25.43 -25.56
C ASP C 145 -5.37 -24.29 -24.56
N MET C 146 -4.30 -23.64 -24.13
CA MET C 146 -4.48 -22.42 -23.35
C MET C 146 -5.15 -21.34 -24.21
N GLN C 147 -5.68 -20.31 -23.55
CA GLN C 147 -6.23 -19.19 -24.32
C GLN C 147 -5.13 -18.30 -24.91
N THR C 148 -4.01 -18.13 -24.21
CA THR C 148 -2.94 -17.30 -24.72
C THR C 148 -1.70 -18.16 -24.94
N ALA C 149 -1.05 -17.95 -26.10
CA ALA C 149 0.23 -18.60 -26.35
C ALA C 149 1.31 -17.96 -25.50
N ARG C 150 2.16 -18.81 -24.91
CA ARG C 150 3.18 -18.31 -23.99
C ARG C 150 4.46 -19.11 -24.14
N GLU C 151 5.56 -18.37 -24.28
CA GLU C 151 6.90 -18.83 -23.95
C GLU C 151 7.34 -18.09 -22.70
N GLY C 152 8.22 -18.71 -21.91
CA GLY C 152 8.74 -18.04 -20.74
C GLY C 152 7.83 -18.09 -19.52
N ALA C 153 6.78 -18.91 -19.56
CA ALA C 153 5.82 -19.04 -18.48
C ALA C 153 6.16 -20.24 -17.61
N GLY C 154 5.81 -20.17 -16.34
CA GLY C 154 5.97 -21.30 -15.44
C GLY C 154 4.70 -22.13 -15.35
N LEU C 155 4.87 -23.43 -15.09
CA LEU C 155 3.78 -24.34 -14.77
C LEU C 155 3.98 -24.84 -13.35
N VAL C 156 2.90 -24.86 -12.57
CA VAL C 156 2.99 -25.31 -11.18
C VAL C 156 1.71 -26.02 -10.79
N VAL C 157 1.83 -27.15 -10.13
CA VAL C 157 0.71 -27.90 -9.61
C VAL C 157 0.39 -27.45 -8.20
N ALA C 158 -0.90 -27.43 -7.86
CA ALA C 158 -1.34 -27.15 -6.50
C ALA C 158 -2.68 -27.86 -6.31
N SER C 159 -2.72 -28.83 -5.40
CA SER C 159 -3.95 -29.57 -5.09
C SER C 159 -4.63 -30.09 -6.35
N GLY C 160 -3.86 -30.77 -7.17
CA GLY C 160 -4.34 -31.34 -8.37
C GLY C 160 -4.82 -30.47 -9.50
N VAL C 161 -4.47 -29.21 -9.53
CA VAL C 161 -4.82 -28.33 -10.61
C VAL C 161 -3.54 -27.64 -11.05
N ILE C 162 -3.49 -27.26 -12.30
CA ILE C 162 -2.32 -26.68 -12.91
C ILE C 162 -2.36 -25.23 -13.29
N TYR C 163 -1.39 -24.51 -12.79
CA TYR C 163 -1.32 -23.09 -13.08
C TYR C 163 -0.17 -22.78 -14.05
N CYS C 164 -0.45 -21.85 -14.97
CA CYS C 164 0.51 -21.35 -15.95
C CYS C 164 0.57 -19.84 -15.83
N LEU C 165 1.77 -19.29 -15.60
CA LEU C 165 1.89 -17.91 -15.18
C LEU C 165 2.72 -17.09 -16.15
N GLY C 166 2.17 -15.96 -16.57
CA GLY C 166 2.91 -14.97 -17.32
C GLY C 166 3.51 -15.51 -18.60
N GLY C 167 4.66 -14.92 -18.96
CA GLY C 167 5.35 -15.26 -20.20
C GLY C 167 5.26 -14.18 -21.26
N TYR C 168 5.39 -14.60 -22.52
CA TYR C 168 5.50 -13.75 -23.67
C TYR C 168 4.72 -14.42 -24.78
N ASP C 169 3.90 -13.67 -25.52
CA ASP C 169 3.11 -14.24 -26.59
C ASP C 169 3.66 -13.91 -27.96
N GLY C 170 4.83 -13.29 -28.02
CA GLY C 170 5.39 -12.79 -29.25
C GLY C 170 5.19 -11.31 -29.44
N LEU C 171 4.38 -10.66 -28.58
CA LEU C 171 4.14 -9.22 -28.65
C LEU C 171 4.27 -8.54 -27.30
N ASN C 172 3.76 -9.15 -26.24
CA ASN C 172 3.70 -8.47 -24.94
C ASN C 172 4.13 -9.42 -23.83
N ILE C 173 4.80 -8.86 -22.82
CA ILE C 173 4.96 -9.60 -21.58
C ILE C 173 3.62 -9.63 -20.87
N LEU C 174 3.33 -10.74 -20.20
CA LEU C 174 2.00 -11.00 -19.66
C LEU C 174 2.01 -10.98 -18.15
N ASN C 175 0.92 -10.51 -17.58
CA ASN C 175 0.66 -10.71 -16.16
C ASN C 175 -0.44 -11.72 -15.92
N SER C 176 -1.08 -12.21 -16.99
CA SER C 176 -2.21 -13.12 -16.84
C SER C 176 -1.78 -14.52 -16.41
N VAL C 177 -2.69 -15.18 -15.76
CA VAL C 177 -2.55 -16.54 -15.24
C VAL C 177 -3.69 -17.42 -15.68
N GLU C 178 -3.37 -18.65 -15.99
CA GLU C 178 -4.33 -19.64 -16.43
C GLU C 178 -4.30 -20.88 -15.57
N LYS C 179 -5.45 -21.51 -15.41
CA LYS C 179 -5.64 -22.70 -14.62
C LYS C 179 -6.26 -23.81 -15.42
N TYR C 180 -5.66 -24.97 -15.34
CA TYR C 180 -6.15 -26.15 -16.04
C TYR C 180 -6.72 -27.12 -15.01
N ASP C 181 -7.99 -27.46 -15.17
CA ASP C 181 -8.69 -28.38 -14.28
C ASP C 181 -8.76 -29.74 -14.96
N PRO C 182 -7.99 -30.73 -14.50
CA PRO C 182 -8.00 -32.05 -15.17
C PRO C 182 -9.35 -32.75 -15.14
N HIS C 183 -10.32 -32.29 -14.32
CA HIS C 183 -11.66 -32.85 -14.26
C HIS C 183 -12.60 -32.23 -15.28
N THR C 184 -12.28 -31.03 -15.79
CA THR C 184 -13.02 -30.49 -16.93
C THR C 184 -12.25 -30.65 -18.23
N GLY C 185 -10.94 -30.80 -18.17
CA GLY C 185 -10.13 -30.75 -19.36
C GLY C 185 -9.93 -29.37 -19.95
N HIS C 186 -10.40 -28.32 -19.26
CA HIS C 186 -10.35 -26.96 -19.81
C HIS C 186 -9.45 -26.06 -18.97
N TRP C 187 -9.04 -24.95 -19.61
CA TRP C 187 -8.27 -23.89 -18.98
C TRP C 187 -9.18 -22.72 -18.65
N THR C 188 -8.99 -22.12 -17.47
CA THR C 188 -9.75 -20.94 -17.06
C THR C 188 -8.82 -19.86 -16.53
N ASN C 189 -9.26 -18.63 -16.65
CA ASN C 189 -8.53 -17.51 -16.16
C ASN C 189 -8.55 -17.41 -14.65
N VAL C 190 -7.49 -16.88 -14.12
CA VAL C 190 -7.01 -16.77 -12.77
C VAL C 190 -6.83 -15.29 -12.53
N THR C 191 -6.86 -14.76 -11.33
CA THR C 191 -6.41 -13.39 -11.02
C THR C 191 -4.98 -13.16 -11.47
N PRO C 192 -4.76 -12.08 -12.19
CA PRO C 192 -3.43 -11.88 -12.77
C PRO C 192 -2.42 -11.35 -11.76
N MET C 193 -1.15 -11.48 -12.13
CA MET C 193 -0.10 -10.89 -11.31
C MET C 193 -0.14 -9.37 -11.37
N ALA C 194 0.61 -8.73 -10.49
CA ALA C 194 0.73 -7.27 -10.50
C ALA C 194 1.70 -6.81 -11.58
N THR C 195 2.81 -7.52 -11.74
CA THR C 195 3.87 -7.23 -12.69
C THR C 195 3.83 -8.21 -13.87
N LYS C 196 4.00 -7.69 -15.08
CA LYS C 196 4.20 -8.55 -16.24
C LYS C 196 5.58 -9.19 -16.14
N ARG C 197 5.67 -10.51 -16.37
CA ARG C 197 6.94 -11.21 -16.20
C ARG C 197 7.04 -12.33 -17.21
N SER C 198 8.10 -12.27 -18.04
CA SER C 198 8.59 -13.42 -18.78
C SER C 198 9.91 -13.88 -18.16
N GLY C 199 10.11 -15.19 -18.10
CA GLY C 199 11.36 -15.71 -17.56
C GLY C 199 11.50 -15.73 -16.03
N ALA C 200 10.40 -15.63 -15.29
CA ALA C 200 10.48 -15.72 -13.84
C ALA C 200 10.48 -17.17 -13.36
N GLY C 201 11.01 -17.38 -12.17
CA GLY C 201 10.89 -18.67 -11.51
C GLY C 201 9.61 -18.77 -10.69
N VAL C 202 9.03 -19.98 -10.66
CA VAL C 202 7.74 -20.21 -10.04
C VAL C 202 7.79 -21.48 -9.21
N ALA C 203 7.20 -21.46 -8.03
CA ALA C 203 7.13 -22.66 -7.21
C ALA C 203 6.06 -22.51 -6.13
N LEU C 204 5.68 -23.65 -5.56
CA LEU C 204 4.66 -23.69 -4.52
C LEU C 204 5.32 -23.85 -3.15
N LEU C 205 4.90 -23.01 -2.21
CA LEU C 205 5.47 -23.00 -0.86
C LEU C 205 4.34 -22.69 0.11
N ASN C 206 4.02 -23.63 1.00
CA ASN C 206 2.98 -23.42 2.02
C ASN C 206 1.68 -22.90 1.39
N ASP C 207 1.22 -23.58 0.34
CA ASP C 207 -0.02 -23.26 -0.36
C ASP C 207 -0.02 -21.87 -1.01
N HIS C 208 1.16 -21.28 -1.24
CA HIS C 208 1.30 -20.05 -2.00
C HIS C 208 2.10 -20.31 -3.26
N ILE C 209 1.76 -19.59 -4.32
CA ILE C 209 2.56 -19.67 -5.54
C ILE C 209 3.46 -18.46 -5.60
N TYR C 210 4.76 -18.72 -5.56
CA TYR C 210 5.75 -17.66 -5.59
C TYR C 210 6.24 -17.47 -7.02
N VAL C 211 6.24 -16.22 -7.48
CA VAL C 211 6.83 -15.85 -8.76
C VAL C 211 8.02 -14.92 -8.50
N VAL C 212 9.20 -15.31 -8.95
CA VAL C 212 10.43 -14.61 -8.63
C VAL C 212 11.09 -14.09 -9.90
N GLY C 213 11.38 -12.78 -9.91
CA GLY C 213 12.26 -12.23 -10.94
C GLY C 213 11.57 -12.08 -12.28
N GLY C 214 12.32 -12.31 -13.35
CA GLY C 214 11.79 -12.18 -14.68
C GLY C 214 12.03 -10.80 -15.26
N PHE C 215 11.58 -10.59 -16.48
CA PHE C 215 11.66 -9.37 -17.26
C PHE C 215 10.31 -8.78 -17.58
N ASP C 216 10.11 -7.53 -17.21
CA ASP C 216 8.85 -6.86 -17.45
C ASP C 216 8.73 -6.11 -18.77
N GLY C 217 9.77 -6.15 -19.56
CA GLY C 217 9.83 -5.45 -20.79
C GLY C 217 10.68 -4.20 -20.78
N THR C 218 11.06 -3.72 -19.62
CA THR C 218 11.94 -2.59 -19.45
C THR C 218 13.09 -2.91 -18.51
N ALA C 219 12.80 -3.62 -17.45
CA ALA C 219 13.77 -3.95 -16.46
C ALA C 219 13.86 -5.39 -16.09
N HIS C 220 15.04 -5.79 -15.73
CA HIS C 220 15.18 -7.12 -15.18
C HIS C 220 14.85 -7.03 -13.70
N LEU C 221 14.13 -8.03 -13.18
CA LEU C 221 13.42 -7.86 -11.92
C LEU C 221 14.12 -8.61 -10.79
N SER C 222 14.21 -7.95 -9.64
CA SER C 222 14.45 -8.60 -8.36
C SER C 222 13.20 -8.80 -7.53
N SER C 223 12.07 -8.21 -7.93
CA SER C 223 10.86 -8.26 -7.11
C SER C 223 10.25 -9.66 -7.11
N VAL C 224 9.38 -9.89 -6.13
CA VAL C 224 8.72 -11.19 -5.94
C VAL C 224 7.25 -10.93 -5.58
N GLU C 225 6.37 -11.77 -6.12
CA GLU C 225 4.99 -11.79 -5.64
C GLU C 225 4.59 -13.22 -5.34
N ALA C 226 3.50 -13.32 -4.57
CA ALA C 226 3.04 -14.59 -4.04
C ALA C 226 1.51 -14.66 -4.10
N TYR C 227 1.00 -15.72 -4.71
CA TYR C 227 -0.43 -15.91 -4.90
C TYR C 227 -0.99 -16.81 -3.80
N ASN C 228 -1.82 -16.23 -2.94
CA ASN C 228 -2.54 -16.97 -1.91
C ASN C 228 -3.68 -17.71 -2.59
N ILE C 229 -3.61 -19.04 -2.67
CA ILE C 229 -4.66 -19.80 -3.35
C ILE C 229 -6.00 -19.65 -2.64
N ARG C 230 -6.02 -19.82 -1.31
CA ARG C 230 -7.30 -19.83 -0.61
C ARG C 230 -8.03 -18.48 -0.63
N THR C 231 -7.34 -17.35 -0.83
CA THR C 231 -8.07 -16.09 -0.96
C THR C 231 -7.97 -15.48 -2.36
N ASP C 232 -7.39 -16.20 -3.32
CA ASP C 232 -7.38 -15.76 -4.72
C ASP C 232 -6.85 -14.33 -4.87
N SER C 233 -5.69 -14.07 -4.27
CA SER C 233 -5.13 -12.71 -4.31
C SER C 233 -3.61 -12.74 -4.28
N TRP C 234 -3.01 -11.69 -4.83
CA TRP C 234 -1.57 -11.56 -4.96
C TRP C 234 -1.04 -10.55 -3.96
N THR C 235 0.09 -10.88 -3.34
CA THR C 235 0.80 -9.93 -2.49
C THR C 235 2.27 -9.88 -2.86
N THR C 236 2.83 -8.69 -2.71
CA THR C 236 4.25 -8.47 -2.99
C THR C 236 5.11 -9.03 -1.86
N VAL C 237 6.28 -9.53 -2.22
CA VAL C 237 7.20 -10.16 -1.29
C VAL C 237 8.54 -9.43 -1.36
N THR C 238 9.30 -9.51 -0.27
CA THR C 238 10.69 -9.04 -0.25
C THR C 238 11.44 -9.44 -1.53
N SER C 239 12.14 -8.46 -2.12
CA SER C 239 12.86 -8.72 -3.36
C SER C 239 14.12 -9.56 -3.12
N MET C 240 14.56 -10.23 -4.17
CA MET C 240 15.79 -11.01 -4.11
C MET C 240 17.00 -10.08 -3.97
N THR C 241 18.14 -10.66 -3.63
CA THR C 241 19.33 -9.84 -3.46
C THR C 241 19.80 -9.20 -4.77
N THR C 242 19.33 -9.69 -5.93
CA THR C 242 19.77 -9.24 -7.24
C THR C 242 18.68 -9.57 -8.25
N PRO C 243 18.59 -8.84 -9.36
CA PRO C 243 17.67 -9.26 -10.43
C PRO C 243 18.09 -10.60 -11.06
N ARG C 244 17.10 -11.43 -11.37
CA ARG C 244 17.35 -12.69 -12.06
C ARG C 244 16.22 -12.90 -13.05
N CYS C 245 16.57 -13.24 -14.28
CA CYS C 245 15.61 -13.63 -15.31
CA CYS C 245 15.59 -13.66 -15.27
C CYS C 245 16.09 -14.92 -15.97
N TYR C 246 15.15 -15.65 -16.54
CA TYR C 246 15.39 -17.00 -17.05
C TYR C 246 16.05 -17.81 -15.96
N VAL C 247 15.43 -17.72 -14.78
CA VAL C 247 15.93 -18.27 -13.52
C VAL C 247 15.05 -19.44 -13.13
N GLY C 248 15.66 -20.47 -12.53
CA GLY C 248 14.91 -21.60 -12.03
C GLY C 248 14.45 -21.36 -10.61
N ALA C 249 13.33 -21.98 -10.24
CA ALA C 249 12.83 -21.82 -8.88
C ALA C 249 12.41 -23.17 -8.34
N THR C 250 12.75 -23.42 -7.08
CA THR C 250 12.55 -24.73 -6.51
C THR C 250 12.38 -24.59 -4.99
N VAL C 251 11.57 -25.48 -4.43
CA VAL C 251 11.32 -25.47 -2.99
C VAL C 251 11.95 -26.72 -2.38
N LEU C 252 12.55 -26.55 -1.19
CA LEU C 252 13.19 -27.65 -0.50
C LEU C 252 13.14 -27.41 1.01
N ARG C 253 12.79 -28.46 1.77
CA ARG C 253 12.55 -28.44 3.20
C ARG C 253 12.03 -27.08 3.66
N GLY C 254 10.93 -26.64 3.05
CA GLY C 254 10.21 -25.46 3.50
C GLY C 254 10.83 -24.14 3.16
N ARG C 255 11.69 -24.09 2.15
CA ARG C 255 12.38 -22.86 1.77
C ARG C 255 12.51 -22.81 0.25
N LEU C 256 12.36 -21.61 -0.31
CA LEU C 256 12.30 -21.38 -1.74
C LEU C 256 13.66 -20.93 -2.27
N TYR C 257 14.14 -21.59 -3.32
CA TYR C 257 15.47 -21.33 -3.88
C TYR C 257 15.35 -20.76 -5.30
N ALA C 258 16.00 -19.62 -5.53
CA ALA C 258 16.11 -19.01 -6.85
C ALA C 258 17.54 -19.21 -7.35
N ILE C 259 17.61 -19.88 -8.48
CA ILE C 259 18.76 -20.43 -9.11
C ILE C 259 19.26 -19.85 -10.42
N ALA C 260 20.46 -19.35 -10.31
CA ALA C 260 21.21 -18.73 -11.35
C ALA C 260 20.53 -17.56 -12.06
N GLY C 261 20.52 -17.61 -13.35
CA GLY C 261 19.95 -16.58 -14.15
C GLY C 261 20.84 -15.50 -14.64
N TYR C 262 20.21 -14.56 -15.26
CA TYR C 262 20.82 -13.42 -15.91
C TYR C 262 20.31 -12.15 -15.24
N ASP C 263 21.22 -11.32 -14.76
CA ASP C 263 20.83 -10.14 -13.98
C ASP C 263 20.70 -8.89 -14.83
N GLY C 264 20.66 -9.02 -16.15
CA GLY C 264 20.62 -7.90 -17.06
C GLY C 264 22.00 -7.52 -17.57
N ASN C 265 23.05 -7.84 -16.82
CA ASN C 265 24.41 -7.58 -17.24
C ASN C 265 25.24 -8.84 -17.40
N SER C 266 25.10 -9.81 -16.49
CA SER C 266 25.94 -10.98 -16.61
C SER C 266 25.19 -12.23 -16.15
N LEU C 267 25.80 -13.38 -16.43
CA LEU C 267 25.25 -14.67 -16.05
C LEU C 267 25.59 -14.99 -14.60
N LEU C 268 24.61 -15.52 -13.85
CA LEU C 268 24.80 -15.76 -12.42
C LEU C 268 25.14 -17.21 -12.14
N SER C 269 25.85 -17.41 -11.04
CA SER C 269 26.18 -18.72 -10.53
C SER C 269 25.61 -18.96 -9.15
N SER C 270 25.03 -17.94 -8.54
CA SER C 270 24.63 -17.99 -7.16
C SER C 270 23.17 -18.46 -7.00
N ILE C 271 22.91 -19.12 -5.87
CA ILE C 271 21.57 -19.47 -5.44
C ILE C 271 21.28 -18.67 -4.17
N GLU C 272 20.10 -18.07 -4.12
CA GLU C 272 19.65 -17.44 -2.90
C GLU C 272 18.35 -18.09 -2.43
N CYS C 273 18.17 -18.09 -1.13
CA CYS C 273 17.10 -18.83 -0.46
C CYS C 273 16.21 -17.86 0.29
N TYR C 274 14.88 -17.98 0.07
CA TYR C 274 13.87 -17.22 0.82
C TYR C 274 13.29 -18.08 1.93
N ASP C 275 13.45 -17.64 3.17
CA ASP C 275 12.97 -18.42 4.30
C ASP C 275 11.82 -17.66 4.94
N PRO C 276 10.62 -18.26 5.02
CA PRO C 276 9.47 -17.52 5.57
C PRO C 276 9.64 -17.10 7.02
N ILE C 277 10.41 -17.86 7.80
CA ILE C 277 10.59 -17.54 9.21
C ILE C 277 11.22 -16.16 9.39
N ILE C 278 11.99 -15.71 8.42
CA ILE C 278 12.66 -14.42 8.48
C ILE C 278 12.18 -13.47 7.41
N ASP C 279 11.32 -13.92 6.50
CA ASP C 279 10.80 -13.11 5.40
C ASP C 279 11.93 -12.51 4.56
N SER C 280 13.03 -13.23 4.39
CA SER C 280 14.20 -12.61 3.78
C SER C 280 14.98 -13.59 2.91
N TRP C 281 15.80 -13.02 2.02
CA TRP C 281 16.62 -13.78 1.08
C TRP C 281 18.08 -13.79 1.54
N GLU C 282 18.67 -14.98 1.61
CA GLU C 282 20.07 -15.15 1.93
C GLU C 282 20.77 -15.90 0.79
N VAL C 283 21.91 -15.38 0.35
CA VAL C 283 22.72 -16.12 -0.61
C VAL C 283 23.32 -17.34 0.06
N VAL C 284 23.15 -18.51 -0.55
CA VAL C 284 23.62 -19.74 0.06
C VAL C 284 24.82 -20.36 -0.66
N THR C 285 25.05 -20.02 -1.92
CA THR C 285 26.27 -20.41 -2.62
C THR C 285 26.55 -19.41 -3.73
N SER C 286 27.83 -19.35 -4.13
CA SER C 286 28.26 -18.55 -5.28
C SER C 286 29.04 -19.40 -6.29
N MET C 287 28.94 -20.74 -6.23
CA MET C 287 29.89 -21.65 -6.87
C MET C 287 29.31 -22.54 -7.99
N GLY C 288 28.06 -22.37 -8.39
CA GLY C 288 27.56 -23.12 -9.53
C GLY C 288 28.13 -22.61 -10.84
N THR C 289 27.80 -23.30 -11.93
N THR C 289 27.76 -23.29 -11.93
CA THR C 289 28.13 -22.73 -13.23
CA THR C 289 28.07 -22.78 -13.27
C THR C 289 27.24 -21.53 -13.50
C THR C 289 27.21 -21.56 -13.57
N GLN C 290 27.80 -20.57 -14.24
CA GLN C 290 27.00 -19.45 -14.70
C GLN C 290 26.15 -19.90 -15.88
N ARG C 291 24.84 -19.60 -15.80
CA ARG C 291 23.89 -20.04 -16.81
C ARG C 291 22.50 -19.49 -16.56
N CYS C 292 21.72 -19.27 -17.60
CA CYS C 292 20.29 -18.99 -17.49
C CYS C 292 19.52 -19.91 -18.45
N ASP C 293 18.20 -19.81 -18.41
CA ASP C 293 17.27 -20.72 -19.12
C ASP C 293 17.74 -22.18 -19.11
N ALA C 294 18.10 -22.66 -17.93
CA ALA C 294 18.36 -24.07 -17.72
C ALA C 294 17.13 -24.73 -17.08
N GLY C 295 17.20 -26.04 -16.91
CA GLY C 295 16.15 -26.76 -16.21
C GLY C 295 16.60 -27.04 -14.79
N VAL C 296 15.68 -26.87 -13.85
CA VAL C 296 15.91 -27.13 -12.43
C VAL C 296 14.82 -28.06 -11.91
N CYS C 297 15.16 -28.86 -10.89
CA CYS C 297 14.21 -29.81 -10.31
C CYS C 297 14.79 -30.39 -9.02
N VAL C 298 13.89 -30.92 -8.13
CA VAL C 298 14.30 -31.49 -6.84
C VAL C 298 14.45 -33.00 -6.96
N LEU C 299 15.44 -33.54 -6.24
CA LEU C 299 15.61 -34.97 -6.14
C LEU C 299 15.78 -35.38 -4.68
N ARG C 300 15.16 -36.49 -4.34
CA ARG C 300 15.18 -37.00 -2.98
C ARG C 300 16.25 -38.08 -2.85
N ALA D 13 -7.85 40.68 -7.38
CA ALA D 13 -7.27 39.50 -6.73
C ALA D 13 -6.16 38.88 -7.60
N ASN D 14 -5.28 39.73 -8.14
CA ASN D 14 -4.22 39.30 -9.04
C ASN D 14 -2.89 39.31 -8.28
N GLU D 15 -2.48 38.15 -7.78
CA GLU D 15 -1.28 38.06 -6.96
C GLU D 15 -0.04 38.03 -7.85
N VAL D 16 1.06 38.57 -7.34
CA VAL D 16 2.35 38.55 -8.02
C VAL D 16 3.41 38.02 -7.08
N LEU D 17 4.44 37.44 -7.66
CA LEU D 17 5.56 36.94 -6.90
C LEU D 17 6.55 38.05 -6.60
N LEU D 18 7.25 37.90 -5.49
CA LEU D 18 8.22 38.89 -5.02
C LEU D 18 9.45 38.16 -4.51
N VAL D 19 10.62 38.60 -4.98
CA VAL D 19 11.89 37.95 -4.67
C VAL D 19 12.88 39.04 -4.27
N VAL D 20 13.47 38.92 -3.08
CA VAL D 20 14.36 39.94 -2.56
C VAL D 20 15.66 39.31 -2.07
N GLY D 21 16.78 39.92 -2.44
CA GLY D 21 18.05 39.63 -1.81
C GLY D 21 18.67 38.31 -2.28
N GLY D 22 19.49 37.74 -1.42
CA GLY D 22 20.13 36.50 -1.76
C GLY D 22 21.53 36.70 -2.33
N PHE D 23 22.05 35.58 -2.81
CA PHE D 23 23.45 35.44 -3.21
C PHE D 23 23.51 35.42 -4.73
N GLY D 24 24.21 36.40 -5.31
CA GLY D 24 24.21 36.60 -6.75
C GLY D 24 25.36 35.91 -7.48
N SER D 25 25.44 36.21 -8.78
CA SER D 25 26.35 35.51 -9.68
C SER D 25 27.80 35.93 -9.51
N GLN D 26 28.04 37.19 -9.14
CA GLN D 26 29.40 37.62 -8.83
C GLN D 26 29.78 37.30 -7.39
N GLN D 27 29.16 36.26 -6.82
CA GLN D 27 29.57 35.64 -5.56
C GLN D 27 29.45 36.59 -4.38
N SER D 28 28.50 37.50 -4.42
CA SER D 28 28.29 38.47 -3.37
C SER D 28 26.82 38.51 -2.97
N PRO D 29 26.49 39.01 -1.77
CA PRO D 29 25.08 39.27 -1.47
C PRO D 29 24.61 40.46 -2.28
N ILE D 30 23.34 40.43 -2.66
CA ILE D 30 22.79 41.45 -3.53
C ILE D 30 21.60 42.11 -2.85
N ASP D 31 21.09 43.16 -3.49
CA ASP D 31 19.99 43.96 -2.95
C ASP D 31 18.84 44.07 -3.94
N VAL D 32 18.83 43.23 -4.99
CA VAL D 32 17.83 43.36 -6.04
C VAL D 32 16.50 42.84 -5.52
N VAL D 33 15.43 43.57 -5.84
CA VAL D 33 14.05 43.12 -5.66
C VAL D 33 13.43 42.97 -7.05
N GLU D 34 12.85 41.81 -7.31
CA GLU D 34 12.18 41.55 -8.56
C GLU D 34 10.76 41.10 -8.25
N LYS D 35 9.80 41.52 -9.08
CA LYS D 35 8.47 40.93 -9.03
C LYS D 35 8.20 40.22 -10.35
N TYR D 36 7.52 39.08 -10.28
CA TYR D 36 7.16 38.30 -11.45
C TYR D 36 5.66 38.12 -11.47
N ASP D 37 5.03 38.50 -12.59
CA ASP D 37 3.59 38.34 -12.76
C ASP D 37 3.31 37.01 -13.46
N PRO D 38 2.70 36.09 -12.84
CA PRO D 38 2.40 34.83 -13.47
C PRO D 38 1.46 34.82 -14.69
N LYS D 39 0.42 35.63 -14.76
CA LYS D 39 -0.41 35.67 -15.92
C LYS D 39 0.33 36.17 -17.20
N THR D 40 0.97 37.36 -17.09
CA THR D 40 1.77 38.03 -18.15
C THR D 40 3.10 37.43 -18.41
N GLN D 41 3.64 36.92 -17.34
CA GLN D 41 4.89 36.34 -17.38
C GLN D 41 5.98 37.34 -17.59
N GLU D 42 5.71 38.59 -17.23
CA GLU D 42 6.68 39.68 -17.25
C GLU D 42 7.40 39.79 -15.92
N TRP D 43 8.68 40.17 -15.97
CA TRP D 43 9.46 40.54 -14.79
C TRP D 43 9.53 42.05 -14.70
N SER D 44 9.79 42.56 -13.49
CA SER D 44 10.01 43.99 -13.30
C SER D 44 10.70 44.23 -11.96
N PHE D 45 11.34 45.40 -11.83
CA PHE D 45 12.06 45.80 -10.64
C PHE D 45 11.20 46.64 -9.71
N LEU D 46 11.35 46.40 -8.43
CA LEU D 46 10.98 47.30 -7.35
C LEU D 46 12.26 47.96 -6.81
N PRO D 47 12.14 48.99 -5.98
CA PRO D 47 13.34 49.63 -5.43
C PRO D 47 14.21 48.63 -4.68
N SER D 48 15.45 49.03 -4.45
CA SER D 48 16.44 48.19 -3.79
C SER D 48 16.34 48.33 -2.28
N ILE D 49 16.55 47.22 -1.57
CA ILE D 49 16.66 47.25 -0.12
C ILE D 49 17.90 48.03 0.26
N THR D 50 17.86 48.68 1.44
CA THR D 50 18.94 49.58 1.84
C THR D 50 20.28 48.86 1.85
N ARG D 51 20.31 47.61 2.31
CA ARG D 51 21.54 46.89 2.58
C ARG D 51 21.51 45.55 1.84
N LYS D 52 22.66 45.12 1.33
CA LYS D 52 22.71 43.82 0.66
C LYS D 52 22.60 42.70 1.68
N ARG D 53 21.84 41.65 1.31
CA ARG D 53 21.45 40.63 2.26
C ARG D 53 21.32 39.28 1.55
N ARG D 54 22.11 38.30 1.98
CA ARG D 54 21.88 36.91 1.62
C ARG D 54 21.42 36.15 2.87
N TYR D 55 21.07 34.88 2.71
CA TYR D 55 20.53 34.07 3.81
C TYR D 55 19.31 34.76 4.44
N VAL D 56 18.51 35.42 3.63
CA VAL D 56 17.50 36.35 4.10
C VAL D 56 16.10 35.75 3.95
N ALA D 57 15.18 36.26 4.77
CA ALA D 57 13.78 35.85 4.72
C ALA D 57 12.90 37.01 4.28
N SER D 58 11.71 36.67 3.78
CA SER D 58 10.74 37.66 3.34
C SER D 58 9.32 37.19 3.61
N VAL D 59 8.46 38.12 4.03
CA VAL D 59 7.03 37.90 4.11
C VAL D 59 6.34 39.19 3.70
N SER D 60 5.12 39.06 3.22
CA SER D 60 4.26 40.22 3.02
C SER D 60 3.11 40.12 4.00
N LEU D 61 2.66 41.27 4.49
CA LEU D 61 1.61 41.27 5.50
C LEU D 61 0.77 42.51 5.29
N HIS D 62 -0.47 42.32 4.87
CA HIS D 62 -1.41 43.42 4.69
C HIS D 62 -0.84 44.50 3.75
N ASP D 63 -0.31 44.04 2.61
CA ASP D 63 0.25 44.93 1.57
C ASP D 63 1.53 45.64 2.00
N ARG D 64 2.26 45.06 2.96
CA ARG D 64 3.54 45.57 3.39
C ARG D 64 4.58 44.48 3.20
N ILE D 65 5.75 44.83 2.73
CA ILE D 65 6.76 43.81 2.63
C ILE D 65 7.76 44.00 3.76
N TYR D 66 8.17 42.88 4.30
CA TYR D 66 9.14 42.85 5.39
C TYR D 66 10.29 41.96 4.94
N VAL D 67 11.50 42.53 4.92
CA VAL D 67 12.73 41.80 4.64
C VAL D 67 13.46 41.62 5.97
N ILE D 68 13.80 40.38 6.31
CA ILE D 68 14.12 40.00 7.69
C ILE D 68 15.52 39.40 7.74
N GLY D 69 16.36 39.95 8.62
CA GLY D 69 17.65 39.37 9.00
C GLY D 69 18.53 39.10 7.79
N GLY D 70 19.27 38.00 7.88
CA GLY D 70 20.19 37.63 6.83
C GLY D 70 21.63 37.96 7.15
N TYR D 71 22.40 38.16 6.09
CA TYR D 71 23.86 38.16 6.13
C TYR D 71 24.36 39.09 5.04
N ASP D 72 25.03 40.19 5.38
CA ASP D 72 25.58 41.11 4.40
C ASP D 72 26.99 40.75 3.97
N GLY D 73 27.49 39.56 4.33
CA GLY D 73 28.85 39.19 4.04
C GLY D 73 29.87 39.58 5.11
N ARG D 74 29.45 40.29 6.15
CA ARG D 74 30.31 40.60 7.29
C ARG D 74 29.62 40.17 8.58
N SER D 75 28.52 40.83 8.94
CA SER D 75 27.75 40.49 10.13
C SER D 75 26.43 39.87 9.74
N ARG D 76 25.99 38.85 10.48
CA ARG D 76 24.60 38.45 10.39
C ARG D 76 23.71 39.54 11.01
N LEU D 77 22.45 39.53 10.62
CA LEU D 77 21.59 40.68 10.82
C LEU D 77 20.36 40.35 11.67
N SER D 78 20.08 41.21 12.63
CA SER D 78 18.78 41.32 13.27
C SER D 78 17.90 42.41 12.62
N SER D 79 18.50 43.31 11.85
CA SER D 79 17.79 44.41 11.20
C SER D 79 16.65 43.91 10.32
N VAL D 80 15.58 44.71 10.25
CA VAL D 80 14.44 44.45 9.37
C VAL D 80 13.98 45.78 8.76
N GLU D 81 13.59 45.75 7.48
CA GLU D 81 13.02 46.95 6.87
C GLU D 81 11.76 46.62 6.10
N CYS D 82 11.10 47.67 5.64
CA CYS D 82 9.72 47.56 5.23
C CYS D 82 9.48 48.45 4.02
N LEU D 83 8.55 48.06 3.17
CA LEU D 83 8.10 48.81 2.01
C LEU D 83 6.62 48.64 1.79
N ASP D 84 5.91 49.74 1.61
CA ASP D 84 4.47 49.72 1.37
C ASP D 84 4.33 49.53 -0.12
N TYR D 85 3.75 48.44 -0.62
CA TYR D 85 3.62 48.20 -2.05
C TYR D 85 2.66 49.08 -2.78
N THR D 86 1.68 49.52 -2.07
CA THR D 86 0.73 50.35 -2.72
C THR D 86 1.54 51.41 -3.45
N ALA D 87 2.79 51.53 -3.11
CA ALA D 87 3.52 52.58 -3.72
C ALA D 87 3.71 52.38 -5.19
N GLY D 91 8.08 54.29 -4.11
CA GLY D 91 8.02 54.10 -2.64
C GLY D 91 9.37 53.74 -2.07
N VAL D 92 9.57 53.90 -0.77
CA VAL D 92 10.95 53.86 -0.23
C VAL D 92 11.03 52.87 0.93
N TRP D 93 12.17 52.17 1.06
CA TRP D 93 12.35 51.28 2.19
C TRP D 93 12.55 52.08 3.47
N TYR D 94 11.80 51.73 4.52
CA TYR D 94 11.99 52.33 5.85
C TYR D 94 12.15 51.20 6.86
N SER D 95 13.07 51.36 7.79
CA SER D 95 13.50 50.43 8.81
C SER D 95 12.43 50.29 9.88
N VAL D 96 12.21 49.11 10.46
CA VAL D 96 11.32 48.92 11.59
C VAL D 96 12.14 48.33 12.73
N ALA D 97 11.48 47.86 13.78
CA ALA D 97 12.20 47.36 14.94
C ALA D 97 13.01 46.11 14.56
N PRO D 98 14.18 45.92 15.15
CA PRO D 98 14.97 44.72 14.85
C PRO D 98 14.54 43.54 15.69
N MET D 99 14.83 42.34 15.20
CA MET D 99 14.61 41.17 16.01
C MET D 99 15.52 41.20 17.25
N ASN D 100 15.25 40.30 18.19
CA ASN D 100 16.10 40.18 19.38
C ASN D 100 17.42 39.49 19.09
N VAL D 101 17.47 38.68 18.04
CA VAL D 101 18.64 37.92 17.68
C VAL D 101 18.98 37.94 16.20
N ARG D 102 20.23 37.78 15.91
CA ARG D 102 20.66 37.83 14.54
C ARG D 102 20.49 36.51 13.85
N ARG D 103 19.69 36.56 12.81
CA ARG D 103 19.37 35.36 12.07
C ARG D 103 19.55 35.29 10.58
N GLY D 104 20.26 34.28 10.10
CA GLY D 104 20.30 33.98 8.69
C GLY D 104 19.80 32.57 8.44
N LEU D 105 19.12 32.39 7.30
CA LEU D 105 18.46 31.12 6.99
C LEU D 105 17.51 30.73 8.13
N ALA D 106 16.66 31.68 8.51
CA ALA D 106 15.59 31.49 9.48
C ALA D 106 14.26 31.34 8.74
N GLY D 107 13.41 30.44 9.24
CA GLY D 107 12.08 30.33 8.70
C GLY D 107 11.23 31.52 9.09
N ALA D 108 10.29 31.87 8.21
CA ALA D 108 9.48 33.06 8.40
C ALA D 108 8.12 32.89 7.73
N THR D 109 7.04 33.18 8.46
CA THR D 109 5.70 33.23 7.87
C THR D 109 4.83 34.17 8.69
N THR D 110 3.61 34.37 8.22
CA THR D 110 2.64 35.24 8.87
C THR D 110 1.51 34.40 9.46
N LEU D 111 0.92 34.89 10.55
CA LEU D 111 -0.27 34.27 11.12
C LEU D 111 -1.00 35.31 11.96
N GLY D 112 -2.31 35.42 11.78
CA GLY D 112 -3.02 36.48 12.47
C GLY D 112 -2.67 37.79 11.78
N ASP D 113 -2.34 38.80 12.55
CA ASP D 113 -1.88 40.06 11.99
C ASP D 113 -0.40 40.27 12.28
N MET D 114 0.37 39.20 12.17
CA MET D 114 1.71 39.17 12.76
C MET D 114 2.64 38.24 11.99
N ILE D 115 3.92 38.37 12.33
CA ILE D 115 4.99 37.65 11.68
C ILE D 115 5.61 36.72 12.72
N TYR D 116 5.91 35.50 12.32
CA TYR D 116 6.70 34.57 13.11
C TYR D 116 8.01 34.26 12.39
N VAL D 117 9.07 34.09 13.17
CA VAL D 117 10.41 33.82 12.66
C VAL D 117 11.06 32.87 13.65
N SER D 118 11.45 31.68 13.18
CA SER D 118 12.13 30.72 14.04
C SER D 118 13.41 30.26 13.37
N GLY D 119 14.33 29.75 14.20
CA GLY D 119 15.56 29.15 13.73
C GLY D 119 16.63 30.15 13.32
N GLY D 120 17.63 29.64 12.60
CA GLY D 120 18.64 30.47 11.96
C GLY D 120 20.00 30.35 12.62
N PHE D 121 20.91 31.22 12.17
CA PHE D 121 22.33 31.18 12.52
C PHE D 121 22.84 32.60 12.74
N ASP D 122 23.42 32.86 13.92
CA ASP D 122 23.90 34.18 14.31
C ASP D 122 25.36 34.44 13.92
N GLY D 123 26.09 33.42 13.46
CA GLY D 123 27.53 33.48 13.33
C GLY D 123 28.26 32.54 14.26
N SER D 124 27.65 32.21 15.40
CA SER D 124 28.17 31.22 16.33
C SER D 124 27.23 30.04 16.51
N ARG D 125 25.94 30.29 16.74
CA ARG D 125 25.01 29.24 17.15
C ARG D 125 23.83 29.13 16.20
N ARG D 126 23.28 27.92 16.11
CA ARG D 126 22.05 27.61 15.42
C ARG D 126 20.98 27.78 16.49
N HIS D 127 19.79 28.25 16.15
CA HIS D 127 18.73 28.50 17.14
C HIS D 127 17.50 27.63 17.28
N THR D 128 16.96 27.64 18.46
CA THR D 128 15.75 26.96 18.73
C THR D 128 14.67 27.96 18.94
N SER D 129 15.02 29.22 19.01
CA SER D 129 14.05 30.23 19.41
C SER D 129 13.23 30.77 18.23
N MET D 130 11.99 31.17 18.55
CA MET D 130 11.09 31.85 17.63
C MET D 130 10.61 33.14 18.29
N GLU D 131 10.64 34.23 17.54
CA GLU D 131 10.09 35.50 18.00
C GLU D 131 9.00 35.95 17.04
N ARG D 132 8.24 36.95 17.46
CA ARG D 132 7.01 37.37 16.80
C ARG D 132 7.03 38.88 16.61
N TYR D 133 6.39 39.35 15.53
CA TYR D 133 6.37 40.79 15.25
C TYR D 133 4.94 41.31 15.33
N ASP D 134 4.76 42.39 16.09
CA ASP D 134 3.48 43.08 16.27
C ASP D 134 3.54 44.46 15.64
N PRO D 135 2.87 44.70 14.52
CA PRO D 135 3.01 46.00 13.83
C PRO D 135 2.25 47.15 14.50
N ASN D 136 1.35 46.89 15.44
CA ASN D 136 0.64 47.97 16.12
C ASN D 136 1.45 48.60 17.24
N ILE D 137 2.60 48.03 17.59
CA ILE D 137 3.46 48.57 18.63
C ILE D 137 4.94 48.45 18.25
N ASP D 138 5.23 48.04 17.01
CA ASP D 138 6.59 48.05 16.43
C ASP D 138 7.59 47.35 17.35
N GLN D 139 7.24 46.13 17.78
CA GLN D 139 8.06 45.42 18.75
C GLN D 139 8.10 43.92 18.44
N TRP D 140 9.28 43.32 18.67
CA TRP D 140 9.46 41.87 18.56
C TRP D 140 9.40 41.23 19.94
N SER D 141 8.71 40.11 20.05
CA SER D 141 8.57 39.37 21.27
C SER D 141 9.02 37.96 21.09
N MET D 142 9.72 37.42 22.07
CA MET D 142 10.24 36.09 22.14
C MET D 142 9.23 35.06 22.56
N LEU D 143 9.16 33.91 21.89
CA LEU D 143 8.29 32.84 22.28
C LEU D 143 9.04 31.61 22.69
N GLY D 144 8.35 30.49 22.65
CA GLY D 144 8.91 29.23 23.08
C GLY D 144 10.01 28.74 22.16
N ASP D 145 10.78 27.79 22.67
CA ASP D 145 11.87 27.17 21.95
C ASP D 145 11.52 25.86 21.34
N MET D 146 12.13 25.65 20.18
CA MET D 146 11.88 24.40 19.45
C MET D 146 12.73 23.30 20.09
N GLN D 147 12.34 22.07 19.81
CA GLN D 147 13.09 20.96 20.33
C GLN D 147 14.49 20.91 19.72
N THR D 148 14.58 21.15 18.42
CA THR D 148 15.84 21.09 17.72
C THR D 148 16.33 22.42 17.14
N ALA D 149 17.62 22.69 17.28
CA ALA D 149 18.13 23.90 16.66
C ALA D 149 18.16 23.69 15.15
N ARG D 150 17.57 24.64 14.41
CA ARG D 150 17.41 24.49 12.96
C ARG D 150 17.88 25.74 12.26
N GLU D 151 18.82 25.60 11.33
CA GLU D 151 19.01 26.59 10.29
C GLU D 151 18.60 25.98 8.95
N GLY D 152 18.28 26.84 7.99
CA GLY D 152 17.84 26.35 6.71
C GLY D 152 16.48 25.69 6.71
N ALA D 153 15.70 25.83 7.79
CA ALA D 153 14.36 25.29 7.81
C ALA D 153 13.35 26.32 7.34
N GLY D 154 12.12 25.87 7.13
CA GLY D 154 11.07 26.74 6.63
C GLY D 154 9.87 26.71 7.56
N LEU D 155 9.17 27.84 7.60
CA LEU D 155 8.00 28.03 8.45
C LEU D 155 6.76 28.05 7.59
N VAL D 156 5.73 27.31 8.00
CA VAL D 156 4.50 27.21 7.22
C VAL D 156 3.29 27.15 8.16
N VAL D 157 2.28 27.97 7.86
CA VAL D 157 1.02 28.02 8.60
C VAL D 157 -0.04 27.19 7.90
N ALA D 158 -0.91 26.57 8.70
CA ALA D 158 -2.04 25.79 8.20
C ALA D 158 -3.08 25.76 9.31
N SER D 159 -4.22 26.40 9.08
CA SER D 159 -5.35 26.37 10.01
C SER D 159 -4.96 26.85 11.39
N GLY D 160 -4.16 27.91 11.43
CA GLY D 160 -3.80 28.50 12.71
C GLY D 160 -2.79 27.73 13.51
N VAL D 161 -1.94 26.95 12.85
CA VAL D 161 -0.96 26.12 13.54
C VAL D 161 0.34 26.16 12.74
N ILE D 162 1.46 26.48 13.40
CA ILE D 162 2.70 26.68 12.65
C ILE D 162 3.52 25.40 12.62
N TYR D 163 4.14 25.14 11.47
CA TYR D 163 5.04 24.01 11.28
C TYR D 163 6.44 24.52 10.96
N CYS D 164 7.43 23.76 11.43
CA CYS D 164 8.84 23.96 11.08
C CYS D 164 9.40 22.63 10.60
N LEU D 165 10.03 22.64 9.42
CA LEU D 165 10.34 21.42 8.68
C LEU D 165 11.81 21.41 8.27
N GLY D 166 12.52 20.38 8.63
CA GLY D 166 13.90 20.21 8.26
C GLY D 166 15.01 21.08 8.71
N GLY D 167 16.00 21.26 7.89
CA GLY D 167 17.15 22.08 8.24
C GLY D 167 18.45 21.41 8.66
N TYR D 168 19.31 22.19 9.25
CA TYR D 168 20.61 21.79 9.70
C TYR D 168 20.92 22.28 11.09
N ASP D 169 21.41 21.41 11.95
CA ASP D 169 21.70 21.74 13.34
C ASP D 169 23.11 22.00 13.71
N GLY D 170 24.00 21.90 12.75
CA GLY D 170 25.42 21.99 12.99
C GLY D 170 26.16 20.70 12.79
N LEU D 171 25.46 19.57 12.87
CA LEU D 171 26.07 18.26 12.65
C LEU D 171 25.24 17.40 11.70
N ASN D 172 23.91 17.54 11.72
CA ASN D 172 23.02 16.67 10.96
C ASN D 172 22.12 17.48 10.04
N ILE D 173 21.81 16.92 8.88
CA ILE D 173 20.67 17.36 8.09
C ILE D 173 19.42 16.75 8.71
N LEU D 174 18.35 17.54 8.82
CA LEU D 174 17.20 17.13 9.59
C LEU D 174 16.04 16.74 8.69
N ASN D 175 15.40 15.62 9.02
CA ASN D 175 14.11 15.29 8.41
C ASN D 175 12.95 15.45 9.38
N SER D 176 13.22 15.81 10.64
CA SER D 176 12.17 15.93 11.65
C SER D 176 11.38 17.22 11.47
N VAL D 177 10.16 17.23 12.02
CA VAL D 177 9.19 18.31 11.85
C VAL D 177 8.54 18.62 13.19
N GLU D 178 8.50 19.91 13.53
CA GLU D 178 7.93 20.39 14.78
C GLU D 178 6.71 21.24 14.49
N LYS D 179 5.73 21.16 15.37
CA LYS D 179 4.48 21.89 15.21
C LYS D 179 4.34 22.82 16.41
N TYR D 180 3.99 24.07 16.14
CA TYR D 180 3.79 25.06 17.18
C TYR D 180 2.30 25.34 17.30
N ASP D 181 1.78 25.35 18.52
CA ASP D 181 0.35 25.51 18.76
C ASP D 181 0.13 26.81 19.53
N PRO D 182 -0.30 27.89 18.85
CA PRO D 182 -0.61 29.15 19.56
C PRO D 182 -1.46 29.02 20.82
N HIS D 183 -2.31 28.01 20.93
CA HIS D 183 -3.08 27.89 22.15
C HIS D 183 -2.18 27.46 23.32
N THR D 184 -1.73 26.20 23.28
CA THR D 184 -0.84 25.70 24.33
C THR D 184 0.46 26.49 24.42
N GLY D 185 0.87 27.12 23.32
CA GLY D 185 2.14 27.83 23.29
C GLY D 185 3.37 26.94 23.30
N HIS D 186 3.19 25.65 23.04
CA HIS D 186 4.27 24.68 23.03
C HIS D 186 4.57 24.21 21.63
N TRP D 187 5.70 23.53 21.49
CA TRP D 187 6.04 22.80 20.30
C TRP D 187 5.83 21.31 20.55
N THR D 188 5.38 20.60 19.51
CA THR D 188 5.30 19.16 19.52
C THR D 188 5.86 18.64 18.20
N ASN D 189 6.22 17.36 18.19
CA ASN D 189 6.76 16.71 17.01
C ASN D 189 5.65 16.07 16.20
N VAL D 190 5.73 16.19 14.88
CA VAL D 190 4.84 15.48 13.98
C VAL D 190 5.70 14.56 13.12
N THR D 191 5.03 13.72 12.35
CA THR D 191 5.73 12.71 11.57
C THR D 191 6.81 13.34 10.68
N PRO D 192 7.98 12.70 10.56
CA PRO D 192 9.08 13.29 9.78
C PRO D 192 8.95 13.07 8.28
N MET D 193 9.73 13.85 7.55
CA MET D 193 9.89 13.67 6.12
C MET D 193 10.62 12.36 5.83
N ALA D 194 10.51 11.93 4.57
CA ALA D 194 11.26 10.76 4.11
C ALA D 194 12.73 11.11 3.88
N THR D 195 13.00 12.31 3.40
CA THR D 195 14.35 12.78 3.16
C THR D 195 14.67 13.91 4.13
N LYS D 196 15.87 13.87 4.72
CA LYS D 196 16.41 15.04 5.39
C LYS D 196 16.77 16.09 4.35
N ARG D 197 16.43 17.34 4.64
CA ARG D 197 16.60 18.39 3.65
C ARG D 197 16.94 19.70 4.35
N SER D 198 18.00 20.35 3.91
CA SER D 198 18.29 21.72 4.31
C SER D 198 18.21 22.63 3.09
N GLY D 199 17.65 23.82 3.29
CA GLY D 199 17.52 24.76 2.20
C GLY D 199 16.46 24.39 1.18
N ALA D 200 15.32 23.87 1.63
CA ALA D 200 14.23 23.48 0.76
C ALA D 200 13.05 24.43 0.90
N GLY D 201 12.31 24.59 -0.20
CA GLY D 201 11.14 25.46 -0.20
C GLY D 201 9.93 24.74 0.38
N VAL D 202 9.12 25.49 1.12
CA VAL D 202 8.00 24.97 1.88
C VAL D 202 6.77 25.80 1.54
N ALA D 203 5.61 25.16 1.29
CA ALA D 203 4.37 25.91 1.14
C ALA D 203 3.17 24.99 1.33
N LEU D 204 2.01 25.59 1.36
CA LEU D 204 0.78 24.83 1.57
C LEU D 204 -0.09 25.00 0.34
N LEU D 205 -0.69 23.89 -0.08
CA LEU D 205 -1.53 23.91 -1.27
C LEU D 205 -2.59 22.84 -1.11
N ASN D 206 -3.84 23.28 -1.12
CA ASN D 206 -5.02 22.43 -0.91
C ASN D 206 -4.82 21.48 0.26
N ASP D 207 -4.48 22.06 1.41
CA ASP D 207 -4.36 21.35 2.69
C ASP D 207 -3.20 20.36 2.71
N HIS D 208 -2.13 20.62 1.97
CA HIS D 208 -0.91 19.83 1.98
C HIS D 208 0.28 20.75 2.15
N ILE D 209 1.31 20.28 2.83
CA ILE D 209 2.55 21.04 2.97
C ILE D 209 3.57 20.42 2.04
N TYR D 210 3.92 21.13 0.97
CA TYR D 210 4.92 20.64 0.03
C TYR D 210 6.30 21.09 0.47
N VAL D 211 7.26 20.19 0.36
CA VAL D 211 8.66 20.51 0.58
C VAL D 211 9.37 20.22 -0.73
N VAL D 212 9.92 21.25 -1.36
CA VAL D 212 10.53 21.14 -2.67
C VAL D 212 12.04 21.22 -2.53
N GLY D 213 12.74 20.28 -3.16
CA GLY D 213 14.19 20.36 -3.27
C GLY D 213 14.91 20.31 -1.94
N GLY D 214 15.99 21.06 -1.84
CA GLY D 214 16.87 21.00 -0.68
C GLY D 214 18.09 20.14 -0.93
N PHE D 215 18.86 19.95 0.14
CA PHE D 215 20.11 19.20 0.15
C PHE D 215 20.07 18.18 1.29
N ASP D 216 20.33 16.91 0.97
CA ASP D 216 20.22 15.80 1.92
C ASP D 216 21.57 15.39 2.52
N GLY D 217 22.61 16.20 2.34
CA GLY D 217 23.92 15.90 2.89
C GLY D 217 24.86 15.20 1.95
N THR D 218 24.36 14.77 0.78
CA THR D 218 25.18 14.15 -0.24
C THR D 218 24.80 14.70 -1.62
N ALA D 219 23.51 14.67 -1.93
CA ALA D 219 22.98 15.01 -3.24
C ALA D 219 22.11 16.25 -3.19
N HIS D 220 22.10 16.98 -4.30
CA HIS D 220 21.21 18.11 -4.49
C HIS D 220 19.91 17.60 -5.10
N LEU D 221 18.78 18.06 -4.57
CA LEU D 221 17.52 17.35 -4.72
C LEU D 221 16.60 18.05 -5.71
N SER D 222 16.05 17.28 -6.63
CA SER D 222 14.88 17.64 -7.39
C SER D 222 13.61 17.06 -6.80
N SER D 223 13.73 16.12 -5.86
CA SER D 223 12.60 15.41 -5.29
C SER D 223 11.68 16.35 -4.52
N VAL D 224 10.41 15.99 -4.45
CA VAL D 224 9.39 16.75 -3.73
C VAL D 224 8.47 15.77 -2.99
N GLU D 225 8.09 16.13 -1.77
CA GLU D 225 7.13 15.31 -1.01
C GLU D 225 6.12 16.22 -0.34
N ALA D 226 4.93 15.67 -0.09
CA ALA D 226 3.79 16.42 0.43
C ALA D 226 3.28 15.81 1.72
N TYR D 227 2.96 16.68 2.67
CA TYR D 227 2.43 16.29 3.96
C TYR D 227 0.91 16.48 3.97
N ASN D 228 0.16 15.39 4.05
CA ASN D 228 -1.28 15.47 4.25
C ASN D 228 -1.58 15.71 5.71
N ILE D 229 -2.17 16.86 6.03
CA ILE D 229 -2.43 17.20 7.42
C ILE D 229 -3.53 16.30 7.99
N ARG D 230 -4.59 16.06 7.23
CA ARG D 230 -5.69 15.24 7.72
C ARG D 230 -5.29 13.78 7.93
N THR D 231 -4.13 13.33 7.46
CA THR D 231 -3.73 11.95 7.68
C THR D 231 -2.42 11.80 8.44
N ASP D 232 -1.69 12.89 8.68
CA ASP D 232 -0.36 12.82 9.31
C ASP D 232 0.59 11.92 8.53
N SER D 233 0.59 12.03 7.20
CA SER D 233 1.44 11.19 6.37
C SER D 233 2.04 11.96 5.20
N TRP D 234 3.21 11.50 4.77
CA TRP D 234 3.93 11.99 3.61
C TRP D 234 3.82 11.01 2.46
N THR D 235 3.85 11.52 1.23
CA THR D 235 4.02 10.70 0.03
C THR D 235 4.91 11.46 -0.96
N THR D 236 5.50 10.71 -1.87
CA THR D 236 6.33 11.29 -2.93
C THR D 236 5.48 12.03 -3.95
N VAL D 237 5.94 13.23 -4.33
CA VAL D 237 5.35 14.01 -5.41
C VAL D 237 6.37 14.08 -6.54
N THR D 238 5.87 14.23 -7.77
CA THR D 238 6.69 14.36 -8.98
C THR D 238 7.90 15.28 -8.75
N SER D 239 9.07 14.82 -9.17
CA SER D 239 10.27 15.62 -9.01
C SER D 239 10.24 16.82 -9.95
N MET D 240 10.87 17.91 -9.52
CA MET D 240 10.98 19.12 -10.32
C MET D 240 11.81 18.81 -11.57
N THR D 241 11.91 19.80 -12.46
CA THR D 241 12.71 19.65 -13.67
C THR D 241 14.21 19.70 -13.39
N THR D 242 14.62 20.31 -12.28
CA THR D 242 16.03 20.46 -11.94
C THR D 242 16.16 20.42 -10.42
N PRO D 243 17.29 19.96 -9.89
CA PRO D 243 17.52 20.13 -8.45
C PRO D 243 17.56 21.61 -8.12
N ARG D 244 16.96 21.96 -6.99
CA ARG D 244 17.01 23.30 -6.49
C ARG D 244 17.30 23.28 -5.01
N CYS D 245 18.35 23.94 -4.59
CA CYS D 245 18.72 24.18 -3.18
CA CYS D 245 18.56 24.18 -3.14
C CYS D 245 18.73 25.64 -2.53
N TYR D 246 18.29 25.98 -1.34
CA TYR D 246 18.16 27.32 -0.90
C TYR D 246 17.26 28.07 -1.83
N VAL D 247 16.18 27.44 -2.14
CA VAL D 247 15.19 27.94 -3.05
C VAL D 247 13.86 28.43 -2.42
N GLY D 248 13.21 29.43 -3.01
CA GLY D 248 11.91 29.85 -2.50
C GLY D 248 10.76 29.05 -3.09
N ALA D 249 9.67 28.97 -2.33
CA ALA D 249 8.46 28.31 -2.80
C ALA D 249 7.27 29.14 -2.38
N THR D 250 6.27 29.23 -3.25
CA THR D 250 5.17 30.16 -3.11
C THR D 250 3.91 29.52 -3.68
N VAL D 251 2.74 29.99 -3.24
CA VAL D 251 1.46 29.52 -3.79
C VAL D 251 0.62 30.69 -4.27
N LEU D 252 0.37 30.75 -5.58
CA LEU D 252 -0.49 31.75 -6.21
C LEU D 252 -1.53 31.03 -7.05
N ARG D 253 -2.81 31.35 -6.80
CA ARG D 253 -3.92 30.86 -7.62
C ARG D 253 -3.89 29.34 -7.75
N GLY D 254 -3.55 28.67 -6.66
CA GLY D 254 -3.64 27.22 -6.62
C GLY D 254 -2.54 26.49 -7.36
N ARG D 255 -1.37 27.10 -7.50
CA ARG D 255 -0.22 26.45 -8.12
C ARG D 255 1.03 26.76 -7.32
N LEU D 256 1.97 25.82 -7.34
CA LEU D 256 3.12 26.05 -6.49
C LEU D 256 4.37 26.24 -7.35
N TYR D 257 4.91 27.42 -7.10
CA TYR D 257 6.07 27.93 -7.82
C TYR D 257 7.35 27.73 -7.01
N ALA D 258 8.40 27.21 -7.64
CA ALA D 258 9.73 27.11 -7.07
C ALA D 258 10.63 28.18 -7.69
N ILE D 259 11.18 29.01 -6.83
CA ILE D 259 11.97 30.17 -7.22
C ILE D 259 13.45 30.13 -6.98
N ALA D 260 14.14 30.28 -8.09
CA ALA D 260 15.56 30.40 -8.18
C ALA D 260 16.34 29.26 -7.55
N GLY D 261 17.30 29.58 -6.70
CA GLY D 261 18.14 28.63 -6.04
C GLY D 261 19.42 28.11 -6.72
N TYR D 262 20.11 27.23 -6.06
CA TYR D 262 21.33 26.62 -6.56
C TYR D 262 21.02 25.17 -6.96
N ASP D 263 21.51 24.75 -8.13
CA ASP D 263 21.25 23.39 -8.60
C ASP D 263 22.42 22.44 -8.32
N GLY D 264 23.43 22.88 -7.59
CA GLY D 264 24.60 22.09 -7.33
C GLY D 264 25.77 22.42 -8.23
N ASN D 265 25.55 23.25 -9.24
CA ASN D 265 26.60 23.64 -10.17
C ASN D 265 26.51 25.15 -10.41
N SER D 266 25.31 25.66 -10.60
CA SER D 266 25.14 27.06 -10.94
C SER D 266 23.91 27.65 -10.24
N LEU D 267 23.88 28.97 -10.21
CA LEU D 267 22.72 29.73 -9.74
C LEU D 267 21.69 29.79 -10.85
N LEU D 268 20.49 29.29 -10.58
CA LEU D 268 19.39 29.29 -11.54
C LEU D 268 18.68 30.63 -11.55
N SER D 269 18.03 30.92 -12.67
CA SER D 269 17.23 32.13 -12.79
C SER D 269 15.81 31.81 -13.23
N SER D 270 15.38 30.56 -13.07
CA SER D 270 14.07 30.13 -13.54
C SER D 270 13.14 29.85 -12.37
N ILE D 271 11.86 30.10 -12.58
CA ILE D 271 10.80 29.57 -11.74
C ILE D 271 10.16 28.42 -12.48
N GLU D 272 9.80 27.36 -11.77
CA GLU D 272 8.93 26.33 -12.30
C GLU D 272 7.73 26.19 -11.38
N CYS D 273 6.67 25.59 -11.94
CA CYS D 273 5.33 25.70 -11.39
C CYS D 273 4.65 24.34 -11.44
N TYR D 274 4.16 23.88 -10.29
CA TYR D 274 3.53 22.56 -10.17
C TYR D 274 2.02 22.68 -10.28
N ASP D 275 1.44 21.98 -11.27
CA ASP D 275 -0.01 21.94 -11.47
C ASP D 275 -0.56 20.60 -11.01
N PRO D 276 -1.31 20.56 -9.92
CA PRO D 276 -1.94 19.29 -9.51
C PRO D 276 -2.87 18.71 -10.57
N ILE D 277 -3.36 19.53 -11.50
CA ILE D 277 -4.24 19.02 -12.54
C ILE D 277 -3.48 18.08 -13.47
N ILE D 278 -2.23 18.40 -13.81
CA ILE D 278 -1.40 17.51 -14.61
C ILE D 278 -0.36 16.80 -13.77
N ASP D 279 -0.26 17.12 -12.47
CA ASP D 279 0.63 16.43 -11.55
C ASP D 279 2.07 16.47 -12.07
N SER D 280 2.47 17.65 -12.53
CA SER D 280 3.75 17.81 -13.21
C SER D 280 4.28 19.20 -12.95
N TRP D 281 5.58 19.37 -13.17
CA TRP D 281 6.25 20.65 -13.10
C TRP D 281 6.56 21.16 -14.51
N GLU D 282 6.46 22.48 -14.69
CA GLU D 282 6.91 23.06 -15.94
C GLU D 282 7.46 24.45 -15.71
N VAL D 283 8.57 24.75 -16.39
CA VAL D 283 9.23 26.05 -16.27
C VAL D 283 8.33 27.10 -16.91
N VAL D 284 8.13 28.22 -16.22
CA VAL D 284 7.30 29.29 -16.74
C VAL D 284 8.08 30.55 -17.05
N THR D 285 9.35 30.64 -16.65
CA THR D 285 10.23 31.72 -17.10
C THR D 285 11.68 31.32 -16.91
N SER D 286 12.54 31.93 -17.73
CA SER D 286 13.98 31.75 -17.64
C SER D 286 14.72 33.04 -17.30
N MET D 287 13.99 34.13 -17.03
CA MET D 287 14.55 35.47 -17.17
C MET D 287 14.77 36.23 -15.86
N GLY D 288 14.73 35.57 -14.71
CA GLY D 288 15.04 36.22 -13.45
C GLY D 288 16.54 36.43 -13.23
N THR D 289 16.86 37.01 -12.08
CA THR D 289 18.24 37.15 -11.66
C THR D 289 18.75 35.86 -11.04
N GLN D 290 19.95 35.44 -11.42
CA GLN D 290 20.56 34.27 -10.80
C GLN D 290 20.77 34.53 -9.32
N ARG D 291 20.22 33.68 -8.47
CA ARG D 291 20.43 33.85 -7.03
C ARG D 291 19.89 32.64 -6.27
N CYS D 292 20.31 32.56 -5.02
CA CYS D 292 19.79 31.58 -4.08
C CYS D 292 19.84 32.18 -2.69
N ASP D 293 19.33 31.42 -1.71
CA ASP D 293 18.98 31.88 -0.37
C ASP D 293 18.45 33.31 -0.39
N ALA D 294 17.52 33.59 -1.31
CA ALA D 294 16.75 34.82 -1.28
C ALA D 294 15.53 34.65 -0.39
N GLY D 295 14.83 35.74 -0.14
CA GLY D 295 13.50 35.70 0.45
C GLY D 295 12.46 35.83 -0.64
N VAL D 296 11.32 35.17 -0.45
CA VAL D 296 10.21 35.29 -1.38
C VAL D 296 8.91 35.48 -0.59
N CYS D 297 7.90 36.00 -1.29
CA CYS D 297 6.55 36.12 -0.76
C CYS D 297 5.56 36.62 -1.80
N VAL D 298 4.29 36.79 -1.41
CA VAL D 298 3.19 37.11 -2.31
C VAL D 298 2.57 38.45 -1.94
N LEU D 299 2.30 39.29 -2.94
CA LEU D 299 1.51 40.49 -2.70
C LEU D 299 0.23 40.46 -3.50
N ARG D 300 -0.89 40.60 -2.80
CA ARG D 300 -2.21 40.65 -3.40
C ARG D 300 -2.48 42.04 -3.95
N GLU D 301 -2.90 42.10 -5.20
CA GLU D 301 -3.31 43.37 -5.78
C GLU D 301 -4.82 43.34 -6.08
N GLY E 6 -33.00 -13.83 -9.41
CA GLY E 6 -31.81 -14.24 -10.10
C GLY E 6 -31.01 -12.98 -10.38
N GLY E 7 -29.91 -12.85 -9.69
CA GLY E 7 -29.12 -11.65 -9.81
C GLY E 7 -27.65 -11.85 -9.72
N PRO E 8 -26.93 -10.79 -10.22
CA PRO E 8 -25.49 -10.91 -10.13
C PRO E 8 -25.02 -10.56 -8.75
N PRO E 9 -23.66 -10.70 -8.52
CA PRO E 9 -23.26 -10.43 -7.13
C PRO E 9 -23.57 -9.04 -6.53
N GLY E 10 -24.08 -9.10 -5.33
CA GLY E 10 -24.51 -7.94 -4.58
C GLY E 10 -25.80 -7.82 -5.27
N GLY E 11 -26.35 -6.65 -5.41
CA GLY E 11 -27.57 -6.49 -6.14
C GLY E 11 -28.79 -6.84 -5.35
N PRO E 12 -29.91 -6.08 -5.64
CA PRO E 12 -31.09 -6.43 -4.85
C PRO E 12 -31.61 -7.80 -5.17
N GLY F 7 15.85 -12.45 -30.12
CA GLY F 7 15.82 -13.39 -29.02
C GLY F 7 14.65 -13.17 -28.09
N PRO F 8 14.60 -13.90 -26.98
CA PRO F 8 13.55 -13.66 -25.98
C PRO F 8 13.77 -12.33 -25.29
N PRO F 9 12.69 -11.64 -24.90
CA PRO F 9 12.85 -10.31 -24.29
C PRO F 9 13.71 -10.37 -23.04
N GLY F 10 14.78 -9.59 -23.05
CA GLY F 10 15.62 -9.43 -21.89
C GLY F 10 16.71 -10.46 -21.73
N GLY F 11 16.90 -11.35 -22.69
CA GLY F 11 17.98 -12.32 -22.63
C GLY F 11 19.30 -11.71 -23.04
N PRO F 12 20.36 -12.51 -22.89
CA PRO F 12 21.70 -12.01 -23.22
C PRO F 12 21.90 -11.92 -24.71
N PRO F 13 22.78 -11.03 -25.17
CA PRO F 13 23.16 -11.03 -26.60
C PRO F 13 23.82 -12.33 -27.01
N VAL F 14 23.68 -12.66 -28.29
CA VAL F 14 24.33 -13.84 -28.85
C VAL F 14 25.53 -13.38 -29.66
N GLY G 7 30.17 26.82 6.84
CA GLY G 7 29.60 26.68 5.52
C GLY G 7 28.33 25.89 5.60
N PRO G 8 27.21 26.52 5.09
CA PRO G 8 25.97 25.73 5.14
C PRO G 8 25.93 24.57 4.20
N PRO G 9 25.37 23.45 4.74
CA PRO G 9 25.34 22.27 3.84
C PRO G 9 24.72 22.42 2.49
N GLY G 10 25.50 21.94 1.53
CA GLY G 10 25.23 21.86 0.11
C GLY G 10 25.19 23.18 -0.61
N GLY G 11 25.65 24.25 0.01
CA GLY G 11 25.59 25.54 -0.58
C GLY G 11 26.64 25.87 -1.54
N PRO G 12 26.50 26.95 -2.27
CA PRO G 12 27.58 27.29 -3.20
C PRO G 12 28.85 27.74 -2.52
N PRO G 13 29.98 27.47 -3.10
CA PRO G 13 31.25 27.89 -2.50
C PRO G 13 31.34 29.40 -2.41
N VAL G 14 31.95 29.88 -1.32
CA VAL G 14 32.07 31.32 -1.10
C VAL G 14 33.52 31.68 -0.82
N GLY H 7 -16.20 -0.77 35.34
CA GLY H 7 -16.42 -1.60 34.18
C GLY H 7 -15.55 -1.23 33.00
N PRO H 8 -14.50 -2.11 32.75
CA PRO H 8 -13.69 -1.76 31.60
C PRO H 8 -14.48 -2.02 30.42
N PRO H 9 -14.19 -1.23 29.34
CA PRO H 9 -15.02 -1.49 28.17
C PRO H 9 -14.88 -2.90 27.64
N GLY H 10 -16.04 -3.40 27.22
CA GLY H 10 -16.26 -4.70 26.63
C GLY H 10 -16.31 -5.90 27.52
N GLY H 11 -16.36 -5.67 28.82
CA GLY H 11 -16.41 -6.71 29.82
C GLY H 11 -17.77 -7.29 30.13
N PRO H 12 -17.69 -8.48 30.82
CA PRO H 12 -18.99 -9.04 31.19
C PRO H 12 -19.72 -8.27 32.28
N PRO H 13 -21.06 -8.59 32.39
CA PRO H 13 -21.79 -7.91 33.45
C PRO H 13 -21.35 -8.21 34.85
N VAL H 14 -21.30 -7.18 35.68
CA VAL H 14 -21.04 -7.35 37.09
C VAL H 14 -21.80 -6.21 37.64
NA NA I . -2.90 -12.32 6.17
C1 EDO J . 2.97 -31.80 17.96
O1 EDO J . 2.37 -30.66 17.45
C2 EDO J . 2.84 -31.90 19.43
O2 EDO J . 3.68 -32.84 19.99
H11 EDO J . 2.55 -32.60 17.56
H12 EDO J . 3.93 -31.81 17.73
HO1 EDO J . 2.68 -29.98 17.84
H21 EDO J . 3.05 -31.02 19.82
H22 EDO J . 1.92 -32.12 19.65
HO2 EDO J . 4.28 -33.04 19.44
NA NA K . -36.11 -7.99 -12.46
NA NA L . -21.85 14.34 -26.35
NA NA M . 4.34 -18.91 3.68
CL CL N . 3.21 45.96 -7.64
#